data_7X2I
#
_entry.id   7X2I
#
_cell.length_a   1.00
_cell.length_b   1.00
_cell.length_c   1.00
_cell.angle_alpha   90.00
_cell.angle_beta   90.00
_cell.angle_gamma   90.00
#
_symmetry.space_group_name_H-M   'P 1'
#
loop_
_entity.id
_entity.type
_entity.pdbx_description
1 polymer '2E6 light chain'
2 polymer '2E6 heavy chain'
3 polymer 'Virion protein 1'
4 polymer VP2
5 polymer VP3
6 polymer 'Capsid protein VP4'
#
loop_
_entity_poly.entity_id
_entity_poly.type
_entity_poly.pdbx_seq_one_letter_code
_entity_poly.pdbx_strand_id
1 'polypeptide(L)'
;DIQMTQSPASLSVSVGETVTITCRASENVYRNLAWYQQKQGKSPQLLVYAATNLADGVPSRFSGSGSGTQYSLKINSLQS
EDFGSYFCQHFWSPVFTFGAGTKLELK
;
L
2 'polypeptide(L)'
;QVQLKQSGPGLVQPSQSLSITCTVSGFSLTNYGVHWVRQSPGKGLEWLGVIWRGGSTDYNAAFMSRLSITKDNSKSQVFF
KMNSLQADDTAIYYCAKGDYYGYDAMDSWGQGTSVTVSR
;
H
3 'polypeptide(L)'
;GPVEESVDRAVARVADTISSRPTNSESIPALTAAETGHTSQVVPSDTMQTRHVKNYHSRSESSIENFLCRSACVYYATYT
NNSKKGFAEWVINTRQVAQLRRKLELFTYLRFDLELTFVITSAQQPSTASSVDAPVQTHQIMYVPPGGPVPTKVKDYAWQ
TSTNPSVFWTEGNAPPRMSIPFISIGNAYSCFYDGWTQFSRNGVYGINTLNNMGTLYMRHVNEAGQGPIKSTVRIYFKPK
HVKAWVPRPPRLCQYEKQKNVNFSPIGVTTSRTDIITT
;
A
4 'polypeptide(L)'
;SPSAEECGYSDRVRSITLGNSTITTQECANVVVGYGVWPEYLKDNEATAEDQPTQPDVATCRFYTLESVQWMKNSAGWWW
KLPDALSQMGLFGQNMQYHYLGRTGYTIHVQCNASKFHQGCLLVVCVPEAEMGCSNLNNTPEFSELSGGDSARMFTDTQV
GESNAKKVQTAVWNAGMGVGVGNLTIFPHQWINLRTNNSATLVMPYINSVPMDNMFRHNNLTLMIIPFVPLNYSEGSSPY
VPITVTIAPMCAEYNGLRLASNQ
;
B
5 'polypeptide(L)'
;GLPVMTTPGSTQFLTSDDFQSPSAMPQFDVTPEMQIPGRVNNLMEIAEVDSVVPVNNTEDNVSSLKAYQIPVQSNSDNGK
QVFGFPLQPGANNVLNRTLLGEILNYYTHWSGSIKLTFMFCGSAMATGKFLLAYSPPGAGVPKNRKDAMLGTHVIWDVGL
QSSCVLCVPWISQTHYRYVVEDEYTAAGYVTCWYQTNIVVPADVQSSCDILCFVSACNDFSVRMLKDTPFIRQDTFYQ
;
C
6 'polypeptide(L)' MGAQVSTQKTGAHETGLNASGNSVIHYTNINYYKDAASNSANRQDFTQDPGKFTEPVKDIMVKTMPALN D
#
# COMPACT_ATOMS: atom_id res chain seq x y z
N ASP A 1 -22.63 -23.55 -5.32
CA ASP A 1 -21.81 -23.03 -4.23
C ASP A 1 -20.72 -24.03 -3.79
N ILE A 2 -20.48 -24.11 -2.48
CA ILE A 2 -19.40 -24.92 -1.94
C ILE A 2 -19.91 -25.69 -0.73
N GLN A 3 -19.64 -26.99 -0.68
CA GLN A 3 -20.03 -27.85 0.43
C GLN A 3 -18.84 -28.09 1.34
N MET A 4 -19.14 -28.34 2.62
CA MET A 4 -18.12 -28.68 3.62
C MET A 4 -18.43 -30.09 4.12
N THR A 5 -17.60 -31.05 3.73
CA THR A 5 -17.78 -32.45 4.12
C THR A 5 -16.89 -32.72 5.32
N GLN A 6 -17.51 -32.98 6.46
CA GLN A 6 -16.81 -33.17 7.72
C GLN A 6 -16.74 -34.66 8.06
N SER A 7 -15.60 -35.08 8.58
CA SER A 7 -15.37 -36.48 8.93
C SER A 7 -14.44 -36.57 10.12
N PRO A 8 -14.66 -37.49 11.05
CA PRO A 8 -15.74 -38.50 11.10
C PRO A 8 -17.04 -37.96 11.68
N ALA A 9 -18.13 -38.67 11.42
CA ALA A 9 -19.45 -38.19 11.86
C ALA A 9 -19.66 -38.39 13.35
N SER A 10 -18.95 -39.34 13.97
CA SER A 10 -19.07 -39.56 15.40
C SER A 10 -17.77 -40.15 15.92
N LEU A 11 -17.57 -40.02 17.23
CA LEU A 11 -16.39 -40.56 17.89
C LEU A 11 -16.77 -41.09 19.26
N SER A 12 -15.99 -42.05 19.73
CA SER A 12 -16.15 -42.61 21.07
C SER A 12 -14.74 -42.80 21.64
N VAL A 13 -14.33 -41.87 22.50
CA VAL A 13 -12.98 -41.88 23.05
C VAL A 13 -13.11 -41.62 24.54
N SER A 14 -12.01 -41.70 25.29
CA SER A 14 -12.04 -41.44 26.72
C SER A 14 -11.25 -40.18 27.07
N VAL A 15 -11.08 -39.91 28.35
CA VAL A 15 -10.49 -38.66 28.83
C VAL A 15 -8.98 -38.78 28.81
N GLY A 16 -8.32 -37.90 28.06
CA GLY A 16 -6.88 -37.78 28.09
C GLY A 16 -6.13 -38.15 26.83
N GLU A 17 -6.82 -38.47 25.74
CA GLU A 17 -6.17 -38.87 24.50
C GLU A 17 -6.33 -37.79 23.43
N THR A 18 -5.60 -37.98 22.33
CA THR A 18 -5.52 -37.00 21.25
C THR A 18 -6.41 -37.43 20.10
N VAL A 19 -7.34 -36.56 19.71
CA VAL A 19 -8.25 -36.81 18.60
C VAL A 19 -7.98 -35.77 17.51
N THR A 20 -8.58 -36.00 16.35
CA THR A 20 -8.41 -35.12 15.19
C THR A 20 -9.68 -35.14 14.36
N ILE A 21 -10.29 -33.97 14.19
CA ILE A 21 -11.49 -33.81 13.38
C ILE A 21 -11.13 -32.98 12.16
N THR A 22 -11.44 -33.50 10.97
CA THR A 22 -11.13 -32.82 9.73
C THR A 22 -12.42 -32.47 9.00
N CYS A 23 -12.34 -31.46 8.13
CA CYS A 23 -13.42 -31.18 7.19
C CYS A 23 -12.83 -30.61 5.91
N ARG A 24 -13.39 -31.01 4.78
CA ARG A 24 -12.86 -30.67 3.46
C ARG A 24 -13.86 -29.81 2.70
N ALA A 25 -13.36 -28.76 2.08
CA ALA A 25 -14.17 -27.86 1.26
C ALA A 25 -14.27 -28.41 -0.16
N SER A 26 -15.10 -27.74 -0.96
CA SER A 26 -15.19 -28.11 -2.37
C SER A 26 -14.03 -27.52 -3.16
N GLU A 27 -13.74 -26.24 -2.97
CA GLU A 27 -12.60 -25.59 -3.61
C GLU A 27 -11.90 -24.73 -2.57
N ASN A 28 -10.90 -23.96 -3.02
CA ASN A 28 -10.03 -23.21 -2.13
C ASN A 28 -10.77 -22.07 -1.44
N VAL A 29 -10.56 -21.93 -0.13
CA VAL A 29 -11.16 -20.88 0.67
C VAL A 29 -10.14 -19.96 1.31
N TYR A 30 -8.84 -20.24 1.14
CA TYR A 30 -7.73 -19.40 1.59
C TYR A 30 -7.76 -19.18 3.11
N ARG A 31 -7.85 -20.28 3.86
CA ARG A 31 -7.83 -20.32 5.33
C ARG A 31 -8.96 -19.51 5.95
N ASN A 32 -10.08 -19.37 5.26
CA ASN A 32 -11.26 -18.71 5.81
C ASN A 32 -12.17 -19.79 6.39
N LEU A 33 -11.85 -20.22 7.61
CA LEU A 33 -12.62 -21.27 8.27
C LEU A 33 -12.76 -20.94 9.75
N ALA A 34 -13.91 -21.28 10.31
CA ALA A 34 -14.19 -21.07 11.72
C ALA A 34 -14.76 -22.35 12.31
N TRP A 35 -14.32 -22.68 13.53
CA TRP A 35 -14.75 -23.88 14.22
C TRP A 35 -15.60 -23.50 15.42
N TYR A 36 -16.68 -24.24 15.63
CA TYR A 36 -17.62 -23.97 16.71
C TYR A 36 -17.77 -25.21 17.59
N GLN A 37 -18.32 -24.99 18.78
CA GLN A 37 -18.59 -26.05 19.73
C GLN A 37 -19.93 -25.79 20.39
N GLN A 38 -20.84 -26.75 20.27
CA GLN A 38 -22.18 -26.63 20.82
C GLN A 38 -22.44 -27.78 21.78
N LYS A 39 -22.83 -27.45 23.01
CA LYS A 39 -23.23 -28.47 23.97
C LYS A 39 -24.74 -28.68 23.85
N GLN A 40 -25.33 -29.39 24.82
CA GLN A 40 -26.72 -29.82 24.71
C GLN A 40 -27.66 -28.67 25.06
N GLY A 41 -28.31 -28.11 24.04
CA GLY A 41 -29.40 -27.19 24.25
C GLY A 41 -29.03 -25.74 24.51
N LYS A 42 -27.85 -25.30 24.08
CA LYS A 42 -27.47 -23.90 24.13
C LYS A 42 -26.89 -23.46 22.79
N SER A 43 -26.53 -22.19 22.73
CA SER A 43 -26.00 -21.62 21.49
C SER A 43 -24.58 -22.12 21.24
N PRO A 44 -24.16 -22.23 19.98
CA PRO A 44 -22.78 -22.63 19.70
C PRO A 44 -21.81 -21.51 20.01
N GLN A 45 -20.66 -21.89 20.54
CA GLN A 45 -19.60 -20.95 20.91
C GLN A 45 -18.46 -21.05 19.92
N LEU A 46 -17.89 -19.89 19.59
CA LEU A 46 -16.75 -19.85 18.67
C LEU A 46 -15.52 -20.42 19.34
N LEU A 47 -14.80 -21.28 18.62
CA LEU A 47 -13.68 -22.03 19.18
C LEU A 47 -12.36 -21.65 18.53
N VAL A 48 -12.27 -21.75 17.21
CA VAL A 48 -11.06 -21.42 16.46
C VAL A 48 -11.50 -20.67 15.21
N TYR A 49 -10.96 -19.46 14.99
CA TYR A 49 -11.29 -18.68 13.81
C TYR A 49 -10.04 -18.55 12.93
N ALA A 50 -10.29 -18.35 11.63
CA ALA A 50 -9.27 -18.20 10.59
C ALA A 50 -8.32 -19.40 10.51
N ALA A 51 -8.82 -20.58 10.90
CA ALA A 51 -8.20 -21.90 10.74
C ALA A 51 -6.92 -22.11 11.55
N THR A 52 -6.41 -21.09 12.21
CA THR A 52 -5.26 -21.22 13.09
C THR A 52 -5.48 -20.54 14.43
N ASN A 53 -6.13 -19.38 14.44
CA ASN A 53 -6.16 -18.51 15.60
C ASN A 53 -7.13 -19.00 16.67
N LEU A 54 -6.78 -18.77 17.92
CA LEU A 54 -7.63 -19.12 19.04
C LEU A 54 -8.50 -17.93 19.46
N ALA A 55 -9.60 -18.23 20.13
CA ALA A 55 -10.54 -17.21 20.56
C ALA A 55 -10.05 -16.55 21.87
N ASP A 56 -10.92 -15.77 22.50
CA ASP A 56 -10.53 -15.03 23.70
C ASP A 56 -10.37 -15.96 24.89
N GLY A 57 -11.46 -16.63 25.29
CA GLY A 57 -11.45 -17.45 26.49
C GLY A 57 -11.15 -18.92 26.27
N VAL A 58 -10.73 -19.32 25.08
CA VAL A 58 -10.53 -20.74 24.79
C VAL A 58 -9.14 -21.14 25.29
N PRO A 59 -9.03 -22.18 26.13
CA PRO A 59 -7.72 -22.63 26.59
C PRO A 59 -6.94 -23.30 25.46
N SER A 60 -5.65 -23.50 25.73
CA SER A 60 -4.70 -23.90 24.69
C SER A 60 -4.66 -25.39 24.42
N ARG A 61 -5.69 -26.16 24.82
CA ARG A 61 -5.77 -27.55 24.38
C ARG A 61 -6.13 -27.64 22.91
N PHE A 62 -6.99 -26.75 22.44
CA PHE A 62 -7.43 -26.81 21.06
C PHE A 62 -6.37 -26.23 20.13
N SER A 63 -6.26 -26.84 18.95
CA SER A 63 -5.32 -26.37 17.94
C SER A 63 -5.87 -26.71 16.57
N GLY A 64 -5.90 -25.73 15.69
CA GLY A 64 -6.40 -25.90 14.33
C GLY A 64 -5.30 -25.62 13.32
N SER A 65 -5.31 -26.38 12.23
CA SER A 65 -4.32 -26.22 11.19
C SER A 65 -4.92 -26.63 9.86
N GLY A 66 -4.22 -26.28 8.80
CA GLY A 66 -4.64 -26.61 7.44
C GLY A 66 -4.47 -25.42 6.52
N SER A 67 -4.43 -25.71 5.23
CA SER A 67 -4.35 -24.67 4.21
C SER A 67 -4.92 -25.21 2.91
N GLY A 68 -5.46 -24.31 2.10
CA GLY A 68 -6.02 -24.71 0.83
C GLY A 68 -7.42 -25.26 0.95
N THR A 69 -7.56 -26.57 0.88
CA THR A 69 -8.85 -27.23 0.88
C THR A 69 -9.04 -28.16 2.07
N GLN A 70 -7.95 -28.65 2.65
CA GLN A 70 -7.99 -29.62 3.73
C GLN A 70 -7.62 -28.95 5.04
N TYR A 71 -8.50 -29.04 6.03
CA TYR A 71 -8.28 -28.41 7.32
C TYR A 71 -8.58 -29.43 8.42
N SER A 72 -8.12 -29.12 9.63
CA SER A 72 -8.25 -30.06 10.74
C SER A 72 -8.27 -29.30 12.05
N LEU A 73 -8.71 -30.00 13.11
CA LEU A 73 -8.71 -29.52 14.47
C LEU A 73 -8.25 -30.64 15.38
N LYS A 74 -7.41 -30.30 16.36
CA LYS A 74 -6.76 -31.29 17.21
C LYS A 74 -6.78 -30.86 18.66
N ILE A 75 -7.19 -31.77 19.54
CA ILE A 75 -7.08 -31.60 20.99
C ILE A 75 -6.04 -32.60 21.47
N ASN A 76 -4.98 -32.11 22.10
CA ASN A 76 -3.91 -33.02 22.53
C ASN A 76 -4.31 -33.78 23.79
N SER A 77 -5.01 -33.12 24.71
CA SER A 77 -5.42 -33.74 25.97
C SER A 77 -6.88 -33.41 26.21
N LEU A 78 -7.74 -34.38 25.98
CA LEU A 78 -9.17 -34.15 26.11
C LEU A 78 -9.57 -34.22 27.58
N GLN A 79 -10.45 -33.30 27.98
CA GLN A 79 -10.85 -33.16 29.38
C GLN A 79 -12.33 -33.44 29.52
N SER A 80 -12.81 -33.32 30.76
CA SER A 80 -14.16 -33.78 31.10
C SER A 80 -15.25 -32.81 30.67
N GLU A 81 -14.94 -31.53 30.47
CA GLU A 81 -15.95 -30.54 30.12
C GLU A 81 -15.97 -30.22 28.64
N ASP A 82 -15.30 -31.02 27.81
CA ASP A 82 -15.12 -30.70 26.40
C ASP A 82 -15.83 -31.68 25.46
N PHE A 83 -16.95 -32.25 25.88
CA PHE A 83 -17.74 -33.04 24.94
C PHE A 83 -18.74 -32.14 24.24
N GLY A 84 -19.42 -32.71 23.25
CA GLY A 84 -20.44 -31.98 22.54
C GLY A 84 -20.28 -32.15 21.04
N SER A 85 -20.69 -31.13 20.31
CA SER A 85 -20.65 -31.14 18.86
C SER A 85 -19.57 -30.18 18.35
N TYR A 86 -19.16 -30.38 17.10
CA TYR A 86 -18.17 -29.53 16.46
C TYR A 86 -18.52 -29.36 15.00
N PHE A 87 -18.50 -28.11 14.53
CA PHE A 87 -18.81 -27.78 13.15
C PHE A 87 -17.73 -26.87 12.59
N CYS A 88 -17.53 -26.93 11.27
CA CYS A 88 -16.69 -25.98 10.57
C CYS A 88 -17.56 -25.20 9.60
N GLN A 89 -17.32 -23.90 9.51
CA GLN A 89 -18.16 -22.99 8.74
C GLN A 89 -17.29 -21.94 8.06
N HIS A 90 -17.20 -22.02 6.75
CA HIS A 90 -16.37 -21.10 5.99
C HIS A 90 -17.07 -19.75 5.86
N PHE A 91 -16.27 -18.69 5.82
CA PHE A 91 -16.78 -17.35 5.56
C PHE A 91 -16.10 -16.71 4.36
N TRP A 92 -15.68 -17.55 3.40
CA TRP A 92 -15.00 -17.04 2.22
C TRP A 92 -15.97 -16.36 1.27
N SER A 93 -17.20 -16.89 1.18
CA SER A 93 -18.13 -16.40 0.18
C SER A 93 -19.57 -16.69 0.59
N PRO A 94 -20.45 -15.69 0.51
CA PRO A 94 -21.89 -16.00 0.55
C PRO A 94 -22.29 -16.82 -0.66
N VAL A 95 -23.00 -17.93 -0.43
CA VAL A 95 -23.59 -18.34 0.85
C VAL A 95 -22.66 -19.16 1.75
N PHE A 96 -22.58 -18.75 3.01
CA PHE A 96 -21.80 -19.50 4.00
C PHE A 96 -22.52 -20.79 4.33
N THR A 97 -21.77 -21.90 4.38
CA THR A 97 -22.32 -23.21 4.70
C THR A 97 -21.61 -23.77 5.92
N PHE A 98 -22.37 -24.47 6.76
CA PHE A 98 -21.82 -25.08 7.96
C PHE A 98 -21.41 -26.52 7.67
N GLY A 99 -20.79 -27.15 8.66
CA GLY A 99 -20.40 -28.53 8.56
C GLY A 99 -21.55 -29.47 8.87
N ALA A 100 -21.28 -30.76 8.75
CA ALA A 100 -22.30 -31.77 9.03
C ALA A 100 -22.45 -31.99 10.52
N GLY A 101 -21.34 -32.21 11.23
CA GLY A 101 -21.38 -32.42 12.66
C GLY A 101 -20.63 -33.63 13.13
N THR A 102 -19.97 -33.50 14.28
CA THR A 102 -19.26 -34.59 14.92
C THR A 102 -19.82 -34.70 16.34
N LYS A 103 -19.81 -35.90 16.91
CA LYS A 103 -20.34 -36.10 18.26
C LYS A 103 -19.32 -36.82 19.12
N LEU A 104 -19.13 -36.32 20.34
CA LEU A 104 -18.19 -36.89 21.30
C LEU A 104 -18.97 -37.43 22.49
N GLU A 105 -19.07 -38.76 22.58
CA GLU A 105 -19.78 -39.38 23.69
C GLU A 105 -18.98 -39.35 24.99
N LEU A 106 -17.65 -39.37 24.88
CA LEU A 106 -16.71 -39.46 26.00
C LEU A 106 -17.00 -40.69 26.87
N LYS A 107 -16.89 -41.85 26.24
CA LYS A 107 -17.11 -43.13 26.91
C LYS A 107 -15.88 -43.59 27.67
N GLN B 1 -19.36 -7.95 29.84
CA GLN B 1 -20.32 -7.06 29.18
C GLN B 1 -21.48 -7.85 28.60
N VAL B 2 -22.70 -7.43 28.93
CA VAL B 2 -23.89 -8.12 28.44
C VAL B 2 -24.06 -7.84 26.94
N GLN B 3 -24.64 -8.80 26.24
CA GLN B 3 -24.71 -8.80 24.78
C GLN B 3 -26.17 -8.95 24.34
N LEU B 4 -26.34 -9.21 23.05
CA LEU B 4 -27.64 -9.15 22.39
C LEU B 4 -28.59 -10.26 22.86
N LYS B 5 -29.88 -10.02 22.65
CA LYS B 5 -30.94 -10.94 23.01
C LYS B 5 -32.16 -10.66 22.14
N GLN B 6 -33.03 -11.65 22.03
CA GLN B 6 -34.14 -11.58 21.09
C GLN B 6 -35.45 -11.92 21.78
N SER B 7 -36.55 -11.74 21.05
CA SER B 7 -37.88 -12.04 21.54
C SER B 7 -38.78 -12.31 20.34
N GLY B 8 -39.36 -13.50 20.27
CA GLY B 8 -40.15 -13.91 19.14
C GLY B 8 -41.56 -14.33 19.49
N PRO B 9 -42.38 -14.63 18.48
CA PRO B 9 -43.77 -15.02 18.75
C PRO B 9 -43.93 -16.44 19.25
N GLY B 10 -43.02 -17.35 18.90
CA GLY B 10 -43.07 -18.70 19.43
C GLY B 10 -43.84 -19.70 18.59
N LEU B 11 -45.09 -19.37 18.24
CA LEU B 11 -45.94 -20.28 17.51
C LEU B 11 -46.60 -19.53 16.37
N VAL B 12 -46.50 -20.08 15.16
CA VAL B 12 -46.94 -19.39 13.95
C VAL B 12 -47.77 -20.36 13.09
N GLN B 13 -48.88 -19.84 12.57
CA GLN B 13 -49.73 -20.56 11.65
C GLN B 13 -49.02 -20.74 10.32
N PRO B 14 -49.34 -21.80 9.57
CA PRO B 14 -48.75 -21.97 8.24
C PRO B 14 -49.20 -20.90 7.27
N SER B 15 -48.33 -20.63 6.29
CA SER B 15 -48.50 -19.59 5.27
C SER B 15 -48.74 -18.22 5.89
N GLN B 16 -47.91 -17.86 6.87
CA GLN B 16 -47.99 -16.59 7.56
C GLN B 16 -46.62 -15.93 7.57
N SER B 17 -46.50 -14.86 8.35
CA SER B 17 -45.26 -14.12 8.47
C SER B 17 -44.66 -14.29 9.87
N LEU B 18 -43.34 -14.30 9.93
CA LEU B 18 -42.60 -14.50 11.16
C LEU B 18 -41.69 -13.29 11.41
N SER B 19 -41.63 -12.84 12.67
CA SER B 19 -40.87 -11.64 13.00
C SER B 19 -40.27 -11.81 14.39
N ILE B 20 -38.95 -11.87 14.46
CA ILE B 20 -38.21 -11.82 15.72
C ILE B 20 -37.36 -10.56 15.72
N THR B 21 -37.40 -9.82 16.83
CA THR B 21 -36.63 -8.60 17.00
C THR B 21 -35.46 -8.89 17.93
N CYS B 22 -34.25 -8.76 17.40
CA CYS B 22 -33.02 -8.98 18.15
C CYS B 22 -32.44 -7.64 18.53
N THR B 23 -32.47 -7.31 19.83
CA THR B 23 -31.92 -6.07 20.33
C THR B 23 -30.55 -6.34 20.94
N VAL B 24 -29.66 -5.36 20.85
CA VAL B 24 -28.27 -5.53 21.23
C VAL B 24 -27.97 -4.65 22.45
N SER B 25 -26.76 -4.81 22.96
CA SER B 25 -26.30 -4.05 24.13
C SER B 25 -24.78 -4.13 24.18
N GLY B 26 -24.14 -3.02 24.54
CA GLY B 26 -22.71 -2.98 24.71
C GLY B 26 -21.92 -2.55 23.49
N PHE B 27 -22.55 -2.51 22.32
CA PHE B 27 -21.90 -2.08 21.09
C PHE B 27 -22.91 -1.36 20.21
N SER B 28 -22.44 -0.91 19.05
CA SER B 28 -23.27 -0.18 18.10
C SER B 28 -23.43 -0.97 16.81
N LEU B 29 -24.45 -0.60 16.05
CA LEU B 29 -24.67 -1.18 14.74
C LEU B 29 -23.86 -0.50 13.64
N THR B 30 -23.06 0.50 13.98
CA THR B 30 -22.21 1.17 13.00
C THR B 30 -20.84 0.52 12.87
N ASN B 31 -20.61 -0.60 13.56
CA ASN B 31 -19.32 -1.27 13.53
C ASN B 31 -19.41 -2.77 13.32
N TYR B 32 -20.58 -3.39 13.48
CA TYR B 32 -20.71 -4.83 13.40
C TYR B 32 -21.95 -5.20 12.61
N GLY B 33 -21.95 -6.40 12.06
CA GLY B 33 -23.09 -6.91 11.34
C GLY B 33 -23.70 -8.12 12.02
N VAL B 34 -25.01 -8.26 11.96
CA VAL B 34 -25.73 -9.32 12.67
C VAL B 34 -26.20 -10.35 11.65
N HIS B 35 -25.83 -11.61 11.89
CA HIS B 35 -26.21 -12.72 11.04
C HIS B 35 -27.51 -13.35 11.54
N TRP B 36 -28.02 -14.30 10.77
CA TRP B 36 -29.21 -15.07 11.14
C TRP B 36 -29.00 -16.51 10.72
N VAL B 37 -28.91 -17.41 11.71
CA VAL B 37 -28.58 -18.80 11.50
C VAL B 37 -29.72 -19.66 12.04
N ARG B 38 -30.15 -20.64 11.24
CA ARG B 38 -31.26 -21.52 11.61
C ARG B 38 -30.70 -22.89 11.99
N GLN B 39 -30.91 -23.28 13.24
CA GLN B 39 -30.54 -24.61 13.73
C GLN B 39 -31.73 -25.55 13.52
N SER B 40 -31.58 -26.50 12.62
CA SER B 40 -32.67 -27.42 12.32
C SER B 40 -32.31 -28.82 12.79
N PRO B 41 -33.28 -29.60 13.27
CA PRO B 41 -32.97 -30.98 13.69
C PRO B 41 -32.81 -31.95 12.53
N GLY B 42 -33.36 -31.63 11.36
CA GLY B 42 -33.27 -32.52 10.22
C GLY B 42 -32.22 -32.13 9.21
N LYS B 43 -32.12 -30.84 8.89
CA LYS B 43 -31.20 -30.34 7.89
C LYS B 43 -29.92 -29.79 8.49
N GLY B 44 -29.80 -29.78 9.82
CA GLY B 44 -28.62 -29.25 10.45
C GLY B 44 -28.61 -27.72 10.45
N LEU B 45 -27.44 -27.18 10.74
CA LEU B 45 -27.26 -25.73 10.75
C LEU B 45 -27.25 -25.19 9.32
N GLU B 46 -27.79 -23.99 9.16
CA GLU B 46 -27.79 -23.32 7.86
C GLU B 46 -27.81 -21.82 8.07
N TRP B 47 -27.26 -21.10 7.11
CA TRP B 47 -27.12 -19.66 7.18
C TRP B 47 -28.22 -19.02 6.33
N LEU B 48 -28.97 -18.09 6.92
CA LEU B 48 -30.11 -17.50 6.25
C LEU B 48 -29.79 -16.16 5.61
N GLY B 49 -29.28 -15.21 6.39
CA GLY B 49 -28.97 -13.91 5.84
C GLY B 49 -28.19 -13.08 6.84
N VAL B 50 -27.77 -11.91 6.38
CA VAL B 50 -26.98 -11.00 7.21
C VAL B 50 -27.30 -9.58 6.77
N ILE B 51 -27.18 -8.64 7.71
CA ILE B 51 -27.16 -7.22 7.39
C ILE B 51 -25.81 -6.67 7.80
N TRP B 52 -25.12 -6.03 6.88
CA TRP B 52 -23.77 -5.58 7.11
C TRP B 52 -23.77 -4.31 7.94
N ARG B 53 -22.57 -3.81 8.26
CA ARG B 53 -22.46 -2.59 9.04
C ARG B 53 -22.74 -1.34 8.21
N GLY B 54 -22.76 -1.46 6.88
CA GLY B 54 -23.08 -0.33 6.03
C GLY B 54 -24.55 -0.17 5.73
N GLY B 55 -25.36 -1.18 6.02
CA GLY B 55 -26.78 -1.16 5.75
C GLY B 55 -27.23 -2.05 4.62
N SER B 56 -26.32 -2.46 3.73
CA SER B 56 -26.68 -3.38 2.66
C SER B 56 -26.86 -4.78 3.22
N THR B 57 -27.74 -5.54 2.59
CA THR B 57 -28.09 -6.87 3.06
C THR B 57 -27.66 -7.92 2.04
N ASP B 58 -27.62 -9.17 2.48
CA ASP B 58 -27.20 -10.28 1.62
C ASP B 58 -27.89 -11.54 2.13
N TYR B 59 -28.79 -12.08 1.32
CA TYR B 59 -29.61 -13.21 1.73
C TYR B 59 -29.12 -14.50 1.06
N ASN B 60 -29.66 -15.62 1.56
CA ASN B 60 -29.41 -16.92 0.94
C ASN B 60 -30.15 -17.01 -0.39
N ALA B 61 -29.71 -17.97 -1.21
CA ALA B 61 -30.32 -18.16 -2.52
C ALA B 61 -31.73 -18.75 -2.42
N ALA B 62 -31.90 -19.80 -1.62
CA ALA B 62 -33.19 -20.45 -1.50
C ALA B 62 -34.20 -19.63 -0.73
N PHE B 63 -33.76 -18.71 0.12
CA PHE B 63 -34.62 -17.88 0.94
C PHE B 63 -34.63 -16.44 0.43
N MET B 64 -34.42 -16.27 -0.87
CA MET B 64 -34.24 -14.94 -1.43
C MET B 64 -35.55 -14.17 -1.51
N SER B 65 -36.61 -14.82 -1.99
CA SER B 65 -37.88 -14.12 -2.20
C SER B 65 -38.71 -13.98 -0.94
N ARG B 66 -38.28 -14.59 0.17
CA ARG B 66 -39.07 -14.56 1.39
C ARG B 66 -38.44 -13.76 2.53
N LEU B 67 -37.12 -13.65 2.56
CA LEU B 67 -36.42 -12.95 3.62
C LEU B 67 -36.38 -11.45 3.37
N SER B 68 -36.36 -10.69 4.46
CA SER B 68 -36.17 -9.24 4.41
C SER B 68 -35.68 -8.79 5.77
N ILE B 69 -34.44 -8.30 5.83
CA ILE B 69 -33.81 -7.89 7.09
C ILE B 69 -33.55 -6.39 7.04
N THR B 70 -34.01 -5.69 8.09
CA THR B 70 -33.76 -4.27 8.24
C THR B 70 -33.25 -4.01 9.65
N LYS B 71 -32.86 -2.76 9.91
CA LYS B 71 -32.33 -2.39 11.22
C LYS B 71 -32.56 -0.92 11.46
N ASP B 72 -32.37 -0.52 12.72
CA ASP B 72 -32.39 0.88 13.12
C ASP B 72 -31.15 1.15 13.95
N ASN B 73 -30.37 2.16 13.53
CA ASN B 73 -29.10 2.43 14.19
C ASN B 73 -29.29 3.12 15.54
N SER B 74 -30.35 3.92 15.68
CA SER B 74 -30.54 4.71 16.90
C SER B 74 -31.04 3.84 18.05
N LYS B 75 -32.10 3.08 17.82
CA LYS B 75 -32.69 2.24 18.86
C LYS B 75 -31.91 0.95 19.11
N SER B 76 -30.87 0.68 18.32
CA SER B 76 -30.00 -0.50 18.40
C SER B 76 -30.81 -1.81 18.35
N GLN B 77 -31.54 -1.96 17.24
CA GLN B 77 -32.38 -3.13 17.02
C GLN B 77 -32.31 -3.54 15.56
N VAL B 78 -32.45 -4.83 15.31
CA VAL B 78 -32.56 -5.36 13.96
C VAL B 78 -33.89 -6.09 13.83
N PHE B 79 -34.44 -6.11 12.63
CA PHE B 79 -35.71 -6.77 12.35
C PHE B 79 -35.57 -7.76 11.21
N PHE B 80 -36.13 -8.95 11.37
CA PHE B 80 -36.30 -9.88 10.27
C PHE B 80 -37.66 -10.46 9.97
N LYS B 81 -37.93 -10.72 8.69
CA LYS B 81 -39.26 -11.09 8.23
C LYS B 81 -39.15 -12.16 7.16
N MET B 82 -39.73 -13.33 7.44
CA MET B 82 -39.87 -14.39 6.46
C MET B 82 -41.34 -14.64 6.21
N ASN B 83 -41.69 -15.02 4.98
CA ASN B 83 -43.07 -15.19 4.59
C ASN B 83 -43.32 -16.59 4.05
N SER B 84 -44.60 -16.97 4.07
CA SER B 84 -45.24 -18.15 3.49
C SER B 84 -44.92 -19.47 4.19
N LEU B 85 -43.94 -19.46 5.10
CA LEU B 85 -43.79 -20.34 6.28
C LEU B 85 -44.18 -21.80 6.10
N GLN B 86 -43.47 -22.56 5.27
CA GLN B 86 -43.87 -23.92 4.95
C GLN B 86 -43.53 -24.87 6.10
N ALA B 87 -43.69 -26.17 5.86
CA ALA B 87 -43.70 -27.16 6.92
C ALA B 87 -42.34 -27.45 7.53
N ASP B 88 -41.26 -27.25 6.78
CA ASP B 88 -39.93 -27.59 7.28
C ASP B 88 -39.28 -26.48 8.09
N ASP B 89 -39.99 -25.38 8.36
CA ASP B 89 -39.44 -24.25 9.08
C ASP B 89 -39.56 -24.38 10.60
N THR B 90 -39.93 -25.56 11.10
CA THR B 90 -39.96 -25.79 12.54
C THR B 90 -38.53 -25.95 13.02
N ALA B 91 -37.99 -24.89 13.63
CA ALA B 91 -36.60 -24.87 14.03
C ALA B 91 -36.43 -23.83 15.14
N ILE B 92 -35.17 -23.55 15.47
CA ILE B 92 -34.82 -22.52 16.45
C ILE B 92 -33.90 -21.52 15.75
N TYR B 93 -34.21 -20.24 15.93
CA TYR B 93 -33.59 -19.16 15.15
C TYR B 93 -32.67 -18.34 16.05
N TYR B 94 -31.44 -18.12 15.59
CA TYR B 94 -30.46 -17.33 16.32
C TYR B 94 -30.13 -16.03 15.58
N CYS B 95 -29.78 -15.02 16.36
CA CYS B 95 -29.13 -13.81 15.85
C CYS B 95 -27.75 -13.73 16.48
N ALA B 96 -26.75 -13.39 15.67
CA ALA B 96 -25.38 -13.37 16.15
C ALA B 96 -24.58 -12.32 15.39
N LYS B 97 -23.74 -11.58 16.12
CA LYS B 97 -22.96 -10.51 15.52
C LYS B 97 -21.71 -11.06 14.86
N GLY B 98 -21.18 -10.30 13.90
CA GLY B 98 -20.01 -10.69 13.15
C GLY B 98 -18.80 -9.83 13.45
N ASP B 99 -17.83 -9.90 12.53
CA ASP B 99 -16.59 -9.11 12.53
C ASP B 99 -15.78 -9.34 13.80
N TYR B 100 -15.36 -10.58 13.99
CA TYR B 100 -14.48 -10.94 15.08
C TYR B 100 -13.06 -10.52 14.71
N TYR B 101 -12.69 -9.30 15.13
CA TYR B 101 -11.43 -8.65 14.79
C TYR B 101 -11.23 -8.54 13.28
N GLY B 102 -12.32 -8.29 12.56
CA GLY B 102 -12.24 -8.12 11.12
C GLY B 102 -12.28 -9.39 10.32
N TYR B 103 -12.64 -10.51 10.94
CA TYR B 103 -12.56 -11.81 10.28
C TYR B 103 -13.91 -12.39 9.89
N ASP B 104 -15.01 -11.69 10.21
CA ASP B 104 -16.39 -12.08 9.85
C ASP B 104 -16.76 -13.46 10.42
N ALA B 105 -16.45 -13.66 11.69
CA ALA B 105 -16.88 -14.83 12.43
C ALA B 105 -17.87 -14.40 13.50
N MET B 106 -18.68 -15.35 13.96
CA MET B 106 -19.70 -15.05 14.96
C MET B 106 -19.05 -15.31 16.31
N ASP B 107 -19.06 -14.29 17.18
CA ASP B 107 -18.52 -14.44 18.53
C ASP B 107 -19.51 -14.79 19.65
N SER B 108 -20.61 -14.05 19.66
CA SER B 108 -21.70 -14.25 20.61
C SER B 108 -23.03 -14.42 19.91
N TRP B 109 -23.83 -15.35 20.41
CA TRP B 109 -25.09 -15.70 19.78
C TRP B 109 -26.23 -15.35 20.73
N GLY B 110 -27.43 -15.21 20.16
CA GLY B 110 -28.61 -15.00 20.97
C GLY B 110 -29.04 -16.27 21.66
N GLN B 111 -30.00 -16.13 22.57
CA GLN B 111 -30.52 -17.29 23.29
C GLN B 111 -31.34 -18.21 22.41
N GLY B 112 -31.86 -17.70 21.29
CA GLY B 112 -32.61 -18.52 20.36
C GLY B 112 -34.05 -18.74 20.80
N THR B 113 -34.98 -18.53 19.89
CA THR B 113 -36.39 -18.83 20.15
C THR B 113 -36.78 -20.03 19.29
N SER B 114 -37.41 -21.01 19.92
CA SER B 114 -37.83 -22.19 19.18
C SER B 114 -39.23 -21.96 18.61
N VAL B 115 -39.32 -22.03 17.28
CA VAL B 115 -40.60 -21.80 16.61
C VAL B 115 -41.13 -23.14 16.13
N THR B 116 -42.45 -23.18 15.96
CA THR B 116 -43.14 -24.34 15.42
C THR B 116 -44.14 -23.85 14.39
N VAL B 117 -44.17 -24.50 13.23
CA VAL B 117 -45.02 -24.01 12.15
C VAL B 117 -46.39 -24.68 12.15
N SER B 118 -46.56 -25.76 12.92
CA SER B 118 -47.80 -26.54 12.88
C SER B 118 -48.95 -25.78 13.54
N ARG B 119 -50.17 -26.18 13.15
CA ARG B 119 -51.39 -26.16 14.06
C ARG B 119 -51.18 -27.05 15.28
N ALA C 12 26.76 16.74 -11.66
CA ALA C 12 26.41 16.17 -10.37
C ALA C 12 27.33 15.01 -10.02
N ARG C 13 28.56 15.33 -9.62
CA ARG C 13 29.51 14.30 -9.26
C ARG C 13 29.17 13.70 -7.90
N VAL C 14 29.41 12.40 -7.77
CA VAL C 14 29.17 11.73 -6.51
C VAL C 14 30.38 11.92 -5.59
N ALA C 15 30.16 11.66 -4.30
CA ALA C 15 31.22 11.83 -3.32
C ALA C 15 32.22 10.67 -3.42
N ASP C 16 33.47 10.99 -3.10
CA ASP C 16 34.56 10.03 -3.21
C ASP C 16 35.00 9.56 -1.83
N THR C 17 35.71 8.43 -1.81
CA THR C 17 36.17 7.86 -0.56
C THR C 17 37.51 8.44 -0.17
N ILE C 18 37.74 8.57 1.14
CA ILE C 18 38.97 9.09 1.68
C ILE C 18 39.76 7.93 2.29
N SER C 19 41.04 8.15 2.49
CA SER C 19 41.89 7.12 3.07
C SER C 19 41.61 6.96 4.56
N SER C 20 41.76 5.74 5.05
CA SER C 20 41.46 5.41 6.43
C SER C 20 42.67 4.74 7.07
N ARG C 21 42.66 4.71 8.40
CA ARG C 21 43.72 4.18 9.22
C ARG C 21 43.13 3.16 10.18
N PRO C 22 43.96 2.26 10.73
CA PRO C 22 43.47 1.39 11.81
C PRO C 22 43.17 2.20 13.07
N THR C 23 41.98 2.02 13.62
CA THR C 23 41.53 2.78 14.78
C THR C 23 41.29 1.87 15.97
N ASN C 24 41.37 2.46 17.16
CA ASN C 24 40.96 1.83 18.42
C ASN C 24 40.53 2.97 19.32
N SER C 25 39.22 3.23 19.35
CA SER C 25 38.68 4.37 20.07
C SER C 25 37.36 4.00 20.70
N GLU C 26 36.63 5.01 21.15
CA GLU C 26 35.31 4.85 21.74
C GLU C 26 34.21 5.29 20.78
N SER C 27 34.57 5.73 19.58
CA SER C 27 33.60 6.18 18.59
C SER C 27 33.07 4.97 17.82
N ILE C 28 31.75 4.85 17.76
CA ILE C 28 31.11 3.72 17.10
C ILE C 28 30.25 4.16 15.93
N PRO C 29 30.81 4.21 14.72
CA PRO C 29 30.00 4.55 13.55
C PRO C 29 29.06 3.43 13.12
N ALA C 30 29.39 2.17 13.42
CA ALA C 30 28.57 1.06 12.96
C ALA C 30 27.29 0.92 13.78
N LEU C 31 27.38 1.04 15.10
CA LEU C 31 26.22 0.84 15.96
C LEU C 31 25.31 2.06 15.89
N THR C 32 24.02 1.82 15.68
CA THR C 32 23.03 2.89 15.59
C THR C 32 21.73 2.39 16.21
N ALA C 33 20.65 3.13 16.00
CA ALA C 33 19.33 2.76 16.46
C ALA C 33 18.35 3.01 15.34
N ALA C 34 17.83 1.94 14.75
CA ALA C 34 16.92 2.05 13.62
C ALA C 34 15.48 2.36 14.04
N GLU C 35 15.20 2.40 15.33
CA GLU C 35 13.85 2.74 15.79
C GLU C 35 13.52 4.21 15.61
N THR C 36 14.53 5.06 15.41
CA THR C 36 14.29 6.50 15.28
C THR C 36 13.78 6.90 13.90
N GLY C 37 13.66 5.96 12.96
CA GLY C 37 13.24 6.29 11.62
C GLY C 37 14.26 7.09 10.85
N HIS C 38 15.54 6.84 11.09
CA HIS C 38 16.63 7.63 10.52
C HIS C 38 17.66 6.67 9.94
N THR C 39 17.88 6.75 8.64
CA THR C 39 18.83 5.87 7.98
C THR C 39 20.25 6.26 8.34
N SER C 40 21.11 5.26 8.49
CA SER C 40 22.50 5.51 8.87
C SER C 40 23.26 6.12 7.70
N GLN C 41 24.03 7.17 8.00
CA GLN C 41 24.78 7.91 6.99
C GLN C 41 26.24 7.51 6.94
N VAL C 42 26.54 6.23 7.12
CA VAL C 42 27.93 5.81 7.17
C VAL C 42 28.46 5.60 5.75
N VAL C 43 29.78 5.53 5.65
CA VAL C 43 30.49 5.30 4.40
C VAL C 43 31.36 4.07 4.60
N PRO C 44 31.82 3.43 3.51
CA PRO C 44 32.72 2.28 3.67
C PRO C 44 34.09 2.63 4.24
N SER C 45 34.45 3.90 4.36
CA SER C 45 35.70 4.28 4.99
C SER C 45 35.59 4.39 6.51
N ASP C 46 34.56 3.81 7.12
CA ASP C 46 34.39 3.85 8.56
C ASP C 46 34.48 2.49 9.23
N THR C 47 34.26 1.41 8.50
CA THR C 47 34.32 0.07 9.06
C THR C 47 35.52 -0.74 8.58
N MET C 48 36.34 -0.19 7.69
CA MET C 48 37.50 -0.90 7.15
C MET C 48 38.51 0.14 6.67
N GLN C 49 39.64 -0.34 6.16
CA GLN C 49 40.66 0.52 5.60
C GLN C 49 40.41 0.65 4.09
N THR C 50 40.37 1.88 3.61
CA THR C 50 40.11 2.15 2.21
C THR C 50 41.22 3.03 1.63
N ARG C 51 41.46 2.86 0.34
CA ARG C 51 42.36 3.72 -0.41
C ARG C 51 41.61 4.96 -0.87
N HIS C 52 42.37 5.95 -1.33
CA HIS C 52 41.77 7.20 -1.79
C HIS C 52 41.54 7.11 -3.28
N VAL C 53 40.31 6.84 -3.68
CA VAL C 53 39.90 6.86 -5.06
C VAL C 53 38.91 8.00 -5.26
N LYS C 54 39.02 8.70 -6.38
CA LYS C 54 38.13 9.81 -6.70
C LYS C 54 37.17 9.38 -7.79
N ASN C 55 35.88 9.53 -7.52
CA ASN C 55 34.84 9.10 -8.44
C ASN C 55 34.49 10.21 -9.40
N TYR C 56 34.41 9.87 -10.68
CA TYR C 56 33.95 10.79 -11.71
C TYR C 56 32.55 10.44 -12.20
N HIS C 57 31.85 9.54 -11.51
CA HIS C 57 30.52 9.15 -11.90
C HIS C 57 29.53 10.26 -11.61
N SER C 58 28.52 10.37 -12.46
CA SER C 58 27.49 11.39 -12.31
C SER C 58 26.12 10.75 -12.16
N ARG C 59 25.23 11.46 -11.48
CA ARG C 59 23.85 11.03 -11.28
C ARG C 59 22.91 11.73 -12.24
N SER C 60 23.36 12.00 -13.46
CA SER C 60 22.57 12.81 -14.39
C SER C 60 21.39 12.04 -14.98
N GLU C 61 21.56 10.77 -15.31
CA GLU C 61 20.47 10.03 -15.92
C GLU C 61 19.45 9.53 -14.90
N SER C 62 19.69 9.73 -13.61
CA SER C 62 18.73 9.34 -12.58
C SER C 62 17.88 10.51 -12.13
N SER C 63 17.94 11.64 -12.81
CA SER C 63 17.17 12.81 -12.42
C SER C 63 15.71 12.62 -12.77
N ILE C 64 14.87 13.54 -12.28
CA ILE C 64 13.44 13.46 -12.54
C ILE C 64 13.14 13.78 -14.00
N GLU C 65 13.89 14.71 -14.59
CA GLU C 65 13.66 15.08 -15.98
C GLU C 65 14.05 13.96 -16.94
N ASN C 66 15.19 13.31 -16.71
CA ASN C 66 15.62 12.25 -17.62
C ASN C 66 14.89 10.94 -17.40
N PHE C 67 14.15 10.81 -16.29
CA PHE C 67 13.42 9.58 -16.02
C PHE C 67 12.05 9.58 -16.66
N LEU C 68 11.40 10.74 -16.75
CA LEU C 68 10.02 10.82 -17.20
C LEU C 68 9.85 11.36 -18.61
N CYS C 69 10.80 12.13 -19.13
CA CYS C 69 10.61 12.80 -20.42
C CYS C 69 11.02 11.84 -21.54
N ARG C 70 10.18 10.83 -21.75
CA ARG C 70 10.29 9.89 -22.86
C ARG C 70 8.89 9.55 -23.34
N SER C 71 8.74 9.42 -24.65
CA SER C 71 7.42 9.22 -25.25
C SER C 71 6.93 7.79 -25.01
N ALA C 72 5.65 7.67 -24.66
CA ALA C 72 5.04 6.38 -24.40
C ALA C 72 3.59 6.41 -24.86
N CYS C 73 3.13 5.32 -25.46
CA CYS C 73 1.77 5.25 -25.98
C CYS C 73 0.76 5.14 -24.85
N VAL C 74 -0.41 5.72 -25.06
CA VAL C 74 -1.45 5.70 -24.02
C VAL C 74 -2.72 5.02 -24.50
N TYR C 75 -3.00 5.09 -25.81
CA TYR C 75 -4.24 4.57 -26.36
C TYR C 75 -4.11 4.49 -27.86
N TYR C 76 -4.91 3.62 -28.47
CA TYR C 76 -5.09 3.63 -29.92
C TYR C 76 -6.49 3.15 -30.26
N ALA C 77 -7.13 3.81 -31.23
CA ALA C 77 -8.49 3.52 -31.62
C ALA C 77 -8.60 3.50 -33.13
N THR C 78 -9.56 2.74 -33.63
CA THR C 78 -9.75 2.55 -35.07
C THR C 78 -11.05 3.20 -35.52
N TYR C 79 -11.11 3.52 -36.81
CA TYR C 79 -12.33 4.03 -37.42
C TYR C 79 -12.30 3.70 -38.90
N THR C 80 -13.47 3.35 -39.43
CA THR C 80 -13.62 2.88 -40.80
C THR C 80 -14.19 3.99 -41.66
N ASN C 81 -13.60 4.19 -42.84
CA ASN C 81 -14.03 5.24 -43.75
C ASN C 81 -15.43 4.98 -44.30
N ASN C 82 -15.61 3.88 -45.02
CA ASN C 82 -16.87 3.59 -45.70
C ASN C 82 -17.75 2.76 -44.75
N SER C 83 -18.20 3.42 -43.69
CA SER C 83 -19.09 2.82 -42.72
C SER C 83 -19.71 3.93 -41.89
N LYS C 84 -20.97 3.76 -41.50
CA LYS C 84 -21.57 4.69 -40.56
C LYS C 84 -21.01 4.19 -39.24
N LYS C 85 -21.19 5.02 -38.20
CA LYS C 85 -20.44 4.99 -36.93
C LYS C 85 -18.84 5.04 -36.87
N GLY C 86 -18.34 5.40 -38.05
CA GLY C 86 -16.91 5.56 -38.21
C GLY C 86 -16.22 6.86 -37.89
N PHE C 87 -15.88 7.02 -36.61
CA PHE C 87 -15.09 8.10 -36.02
C PHE C 87 -14.82 7.71 -34.59
N ALA C 88 -13.65 8.06 -34.09
CA ALA C 88 -13.20 7.60 -32.78
C ALA C 88 -13.37 8.71 -31.74
N GLU C 89 -13.41 8.30 -30.48
CA GLU C 89 -13.45 9.23 -29.37
C GLU C 89 -12.72 8.60 -28.19
N TRP C 90 -12.14 9.46 -27.36
CA TRP C 90 -11.33 8.97 -26.24
C TRP C 90 -11.30 10.04 -25.17
N VAL C 91 -11.87 9.73 -24.00
CA VAL C 91 -11.73 10.61 -22.85
C VAL C 91 -10.29 10.50 -22.35
N ILE C 92 -9.68 11.64 -22.04
CA ILE C 92 -8.23 11.67 -21.83
C ILE C 92 -7.91 11.25 -20.41
N ASN C 93 -7.13 10.19 -20.29
CA ASN C 93 -6.64 9.70 -19.00
C ASN C 93 -5.39 8.88 -19.25
N THR C 94 -4.52 8.82 -18.25
CA THR C 94 -3.23 8.14 -18.38
C THR C 94 -3.19 6.84 -17.59
N ARG C 95 -4.32 6.17 -17.43
CA ARG C 95 -4.37 4.94 -16.67
C ARG C 95 -5.10 3.86 -17.44
N GLN C 96 -4.88 3.80 -18.75
CA GLN C 96 -5.32 2.67 -19.55
C GLN C 96 -4.18 1.76 -19.96
N VAL C 97 -2.94 2.25 -19.90
CA VAL C 97 -1.77 1.43 -20.18
C VAL C 97 -1.14 1.03 -18.84
N ALA C 98 -0.21 0.09 -18.90
CA ALA C 98 0.41 -0.41 -17.69
C ALA C 98 1.79 0.17 -17.42
N GLN C 99 2.54 0.54 -18.47
CA GLN C 99 3.92 0.98 -18.27
C GLN C 99 4.04 2.46 -17.95
N LEU C 100 3.14 3.30 -18.45
CA LEU C 100 3.17 4.70 -18.06
C LEU C 100 2.44 4.94 -16.75
N ARG C 101 1.42 4.13 -16.44
CA ARG C 101 0.70 4.27 -15.18
C ARG C 101 1.59 3.92 -13.99
N ARG C 102 2.50 2.96 -14.16
CA ARG C 102 3.39 2.60 -13.05
C ARG C 102 4.47 3.64 -12.83
N LYS C 103 4.88 4.35 -13.88
CA LYS C 103 5.91 5.38 -13.72
C LYS C 103 5.36 6.63 -13.06
N LEU C 104 4.13 7.02 -13.40
CA LEU C 104 3.54 8.21 -12.82
C LEU C 104 3.07 8.00 -11.40
N GLU C 105 2.87 6.76 -10.96
CA GLU C 105 2.36 6.47 -9.64
C GLU C 105 3.46 6.27 -8.61
N LEU C 106 4.71 6.60 -8.95
CA LEU C 106 5.75 6.65 -7.93
C LEU C 106 5.69 7.93 -7.11
N PHE C 107 4.97 8.93 -7.58
CA PHE C 107 4.83 10.20 -6.88
C PHE C 107 3.35 10.49 -6.68
N THR C 108 3.04 11.22 -5.61
CA THR C 108 1.64 11.52 -5.33
C THR C 108 1.16 12.72 -6.13
N TYR C 109 1.99 13.75 -6.28
CA TYR C 109 1.61 14.95 -7.01
C TYR C 109 2.64 15.24 -8.09
N LEU C 110 2.16 15.65 -9.27
CA LEU C 110 3.01 15.96 -10.39
C LEU C 110 2.56 17.27 -11.04
N ARG C 111 3.46 17.86 -11.82
CA ARG C 111 3.17 19.12 -12.50
C ARG C 111 4.08 19.19 -13.72
N PHE C 112 3.52 18.98 -14.91
CA PHE C 112 4.33 18.91 -16.12
C PHE C 112 3.59 19.53 -17.29
N ASP C 113 4.34 19.77 -18.36
CA ASP C 113 3.80 20.16 -19.65
C ASP C 113 3.89 19.00 -20.62
N LEU C 114 2.82 18.80 -21.38
CA LEU C 114 2.71 17.65 -22.26
C LEU C 114 3.30 17.96 -23.63
N GLU C 115 3.43 16.91 -24.45
CA GLU C 115 3.91 17.06 -25.82
C GLU C 115 3.34 15.89 -26.62
N LEU C 116 2.25 16.14 -27.33
CA LEU C 116 1.53 15.08 -28.01
C LEU C 116 2.17 14.73 -29.33
N THR C 117 2.01 13.47 -29.74
CA THR C 117 2.40 13.02 -31.08
C THR C 117 1.46 11.91 -31.49
N PHE C 118 0.95 11.98 -32.71
CA PHE C 118 0.03 10.99 -33.24
C PHE C 118 0.67 10.25 -34.40
N VAL C 119 0.54 8.93 -34.41
CA VAL C 119 1.07 8.09 -35.47
C VAL C 119 -0.14 7.45 -36.14
N ILE C 120 -0.49 7.93 -37.34
CA ILE C 120 -1.71 7.53 -38.03
C ILE C 120 -1.34 6.60 -39.18
N THR C 121 -1.94 5.43 -39.21
CA THR C 121 -1.73 4.45 -40.27
C THR C 121 -3.06 4.13 -40.94
N SER C 122 -3.02 3.23 -41.93
CA SER C 122 -4.21 2.87 -42.67
C SER C 122 -4.06 1.45 -43.22
N ALA C 123 -5.19 0.86 -43.58
CA ALA C 123 -5.21 -0.49 -44.13
C ALA C 123 -6.42 -0.64 -45.03
N GLN C 124 -6.24 -1.34 -46.14
CA GLN C 124 -7.33 -1.55 -47.09
C GLN C 124 -8.23 -2.68 -46.63
N GLN C 125 -9.52 -2.48 -46.78
CA GLN C 125 -10.56 -3.44 -46.42
C GLN C 125 -11.04 -4.18 -47.66
N PRO C 126 -11.60 -5.41 -47.49
CA PRO C 126 -11.98 -6.20 -48.68
C PRO C 126 -13.20 -5.69 -49.41
N SER C 127 -12.99 -4.74 -50.32
CA SER C 127 -14.07 -4.24 -51.17
C SER C 127 -14.37 -5.24 -52.29
N THR C 128 -15.28 -4.86 -53.19
CA THR C 128 -15.69 -5.74 -54.27
C THR C 128 -15.59 -5.10 -55.65
N ALA C 129 -15.30 -3.81 -55.76
CA ALA C 129 -15.19 -3.16 -57.05
C ALA C 129 -13.86 -3.48 -57.70
N SER C 130 -13.85 -3.46 -59.03
CA SER C 130 -12.62 -3.70 -59.79
C SER C 130 -11.85 -2.41 -59.98
N SER C 131 -10.52 -2.52 -59.92
CA SER C 131 -9.56 -1.41 -60.10
C SER C 131 -9.81 -0.29 -59.10
N VAL C 132 -9.64 -0.64 -57.83
CA VAL C 132 -9.73 0.35 -56.76
C VAL C 132 -8.48 1.22 -56.75
N ASP C 133 -8.68 2.54 -56.72
CA ASP C 133 -7.57 3.48 -56.76
C ASP C 133 -8.01 4.66 -55.90
N ALA C 134 -7.25 4.95 -54.85
CA ALA C 134 -7.60 6.06 -53.99
C ALA C 134 -6.44 7.04 -53.87
N PRO C 135 -6.71 8.33 -53.71
CA PRO C 135 -5.63 9.29 -53.44
C PRO C 135 -5.16 9.22 -52.00
N VAL C 136 -4.29 10.16 -51.60
CA VAL C 136 -3.85 10.20 -50.21
C VAL C 136 -4.99 10.67 -49.32
N GLN C 137 -4.97 10.25 -48.07
CA GLN C 137 -6.06 10.50 -47.14
C GLN C 137 -5.71 11.64 -46.21
N THR C 138 -6.74 12.28 -45.67
CA THR C 138 -6.59 13.39 -44.75
C THR C 138 -7.38 13.09 -43.49
N HIS C 139 -6.76 13.30 -42.33
CA HIS C 139 -7.39 13.03 -41.05
C HIS C 139 -7.51 14.32 -40.26
N GLN C 140 -8.51 14.37 -39.38
CA GLN C 140 -8.74 15.51 -38.51
C GLN C 140 -8.88 15.02 -37.09
N ILE C 141 -8.16 15.65 -36.16
CA ILE C 141 -8.16 15.27 -34.76
C ILE C 141 -8.61 16.49 -33.96
N MET C 142 -9.84 16.47 -33.48
CA MET C 142 -10.41 17.61 -32.76
C MET C 142 -10.38 17.36 -31.26
N TYR C 143 -10.01 18.38 -30.51
CA TYR C 143 -9.97 18.32 -29.05
C TYR C 143 -11.09 19.16 -28.47
N VAL C 144 -11.97 18.52 -27.72
CA VAL C 144 -13.15 19.18 -27.14
C VAL C 144 -12.89 19.35 -25.64
N PRO C 145 -12.82 20.58 -25.13
CA PRO C 145 -12.72 20.79 -23.69
C PRO C 145 -14.01 20.38 -22.99
N PRO C 146 -13.98 20.12 -21.67
CA PRO C 146 -15.19 19.63 -20.98
C PRO C 146 -16.30 20.66 -20.89
N GLY C 147 -17.36 20.43 -21.66
CA GLY C 147 -18.49 21.34 -21.68
C GLY C 147 -18.91 21.74 -23.08
N GLY C 148 -18.00 21.59 -24.04
CA GLY C 148 -18.26 21.97 -25.41
C GLY C 148 -19.19 21.01 -26.12
N PRO C 149 -19.70 21.42 -27.28
CA PRO C 149 -20.59 20.54 -28.05
C PRO C 149 -19.80 19.42 -28.73
N VAL C 150 -20.41 18.24 -28.75
CA VAL C 150 -19.73 17.06 -29.27
C VAL C 150 -20.36 16.64 -30.60
N PRO C 151 -19.60 16.10 -31.53
CA PRO C 151 -20.20 15.58 -32.77
C PRO C 151 -20.79 14.20 -32.57
N THR C 152 -21.76 13.88 -33.42
CA THR C 152 -22.44 12.60 -33.35
C THR C 152 -22.38 11.78 -34.62
N LYS C 153 -21.83 12.34 -35.71
CA LYS C 153 -21.62 11.61 -36.94
C LYS C 153 -20.47 12.25 -37.71
N VAL C 154 -20.18 11.72 -38.88
CA VAL C 154 -19.04 12.20 -39.65
C VAL C 154 -19.34 13.55 -40.30
N LYS C 155 -20.47 13.64 -40.99
CA LYS C 155 -20.90 14.93 -41.56
C LYS C 155 -21.75 15.71 -40.56
N ASP C 156 -21.08 16.38 -39.64
CA ASP C 156 -21.74 17.13 -38.59
C ASP C 156 -21.33 18.59 -38.65
N TYR C 157 -22.11 19.44 -38.00
CA TYR C 157 -21.77 20.85 -37.91
C TYR C 157 -20.64 21.12 -36.95
N ALA C 158 -20.40 20.21 -36.00
CA ALA C 158 -19.45 20.48 -34.92
C ALA C 158 -18.00 20.38 -35.36
N TRP C 159 -17.73 19.90 -36.57
CA TRP C 159 -16.36 19.81 -37.07
C TRP C 159 -15.87 21.09 -37.72
N GLN C 160 -16.55 22.22 -37.50
CA GLN C 160 -16.06 23.49 -38.02
C GLN C 160 -14.85 23.99 -37.25
N THR C 161 -14.78 23.65 -35.95
CA THR C 161 -13.74 24.08 -35.01
C THR C 161 -13.59 25.60 -34.99
N SER C 162 -14.67 26.27 -34.57
CA SER C 162 -14.64 27.72 -34.47
C SER C 162 -13.77 28.17 -33.32
N THR C 163 -13.76 27.43 -32.22
CA THR C 163 -12.88 27.70 -31.09
C THR C 163 -12.13 26.48 -30.59
N ASN C 164 -12.56 25.27 -30.93
CA ASN C 164 -11.85 24.08 -30.49
C ASN C 164 -10.58 23.93 -31.31
N PRO C 165 -9.43 23.70 -30.68
CA PRO C 165 -8.20 23.46 -31.45
C PRO C 165 -8.22 22.09 -32.09
N SER C 166 -7.75 22.02 -33.33
CA SER C 166 -7.73 20.75 -34.06
C SER C 166 -6.56 20.78 -35.04
N VAL C 167 -6.23 19.60 -35.57
CA VAL C 167 -5.09 19.45 -36.47
C VAL C 167 -5.56 18.72 -37.72
N PHE C 168 -4.92 19.04 -38.85
CA PHE C 168 -5.18 18.40 -40.12
C PHE C 168 -3.88 17.83 -40.66
N TRP C 169 -3.95 16.62 -41.21
CA TRP C 169 -2.73 15.91 -41.57
C TRP C 169 -3.00 14.98 -42.74
N THR C 170 -2.11 14.98 -43.72
CA THR C 170 -2.20 14.07 -44.87
C THR C 170 -1.19 12.95 -44.69
N GLU C 171 -1.48 11.81 -45.31
CA GLU C 171 -0.62 10.63 -45.12
C GLU C 171 0.66 10.78 -45.93
N GLY C 172 1.77 10.30 -45.36
CA GLY C 172 3.05 10.32 -46.02
C GLY C 172 4.03 11.34 -45.47
N ASN C 173 3.58 12.24 -44.62
CA ASN C 173 4.44 13.28 -44.06
C ASN C 173 4.92 12.87 -42.68
N ALA C 174 5.58 13.80 -41.99
CA ALA C 174 6.00 13.59 -40.62
C ALA C 174 4.78 13.55 -39.70
N PRO C 175 4.87 12.87 -38.55
CA PRO C 175 3.73 12.81 -37.64
C PRO C 175 3.44 14.16 -37.02
N PRO C 176 2.18 14.47 -36.74
CA PRO C 176 1.84 15.76 -36.12
C PRO C 176 2.25 15.80 -34.66
N ARG C 177 2.41 17.03 -34.17
CA ARG C 177 2.94 17.24 -32.83
C ARG C 177 2.49 18.59 -32.30
N MET C 178 1.87 18.59 -31.13
CA MET C 178 1.43 19.80 -30.45
C MET C 178 2.18 19.93 -29.13
N SER C 179 1.78 20.94 -28.35
CA SER C 179 2.34 21.14 -27.01
C SER C 179 1.28 21.80 -26.15
N ILE C 180 1.03 21.22 -24.98
CA ILE C 180 -0.08 21.61 -24.13
C ILE C 180 0.49 22.05 -22.79
N PRO C 181 0.14 23.23 -22.28
CA PRO C 181 0.66 23.66 -20.97
C PRO C 181 -0.02 22.94 -19.80
N PHE C 182 0.31 23.33 -18.58
CA PHE C 182 -0.22 22.69 -17.38
C PHE C 182 -1.66 23.12 -17.19
N ILE C 183 -2.61 22.30 -17.64
CA ILE C 183 -4.04 22.58 -17.47
C ILE C 183 -4.55 21.81 -16.26
N SER C 184 -5.02 22.56 -15.27
CA SER C 184 -5.59 22.01 -14.04
C SER C 184 -6.33 23.12 -13.32
N ILE C 185 -7.12 22.73 -12.33
CA ILE C 185 -7.74 23.68 -11.43
C ILE C 185 -6.90 23.87 -10.17
N GLY C 186 -6.35 22.78 -9.64
CA GLY C 186 -5.46 22.84 -8.51
C GLY C 186 -4.07 23.26 -8.90
N ASN C 187 -3.15 23.14 -7.95
CA ASN C 187 -1.78 23.56 -8.17
C ASN C 187 -0.87 22.42 -8.61
N ALA C 188 -1.38 21.19 -8.70
CA ALA C 188 -0.61 20.05 -9.13
C ALA C 188 -1.57 18.95 -9.57
N TYR C 189 -1.13 18.14 -10.51
CA TYR C 189 -1.88 16.94 -10.88
C TYR C 189 -1.87 15.96 -9.71
N SER C 190 -3.00 15.33 -9.46
CA SER C 190 -3.14 14.40 -8.35
C SER C 190 -3.32 12.99 -8.90
N CYS C 191 -2.35 12.12 -8.62
CA CYS C 191 -2.45 10.74 -9.05
C CYS C 191 -3.27 9.87 -8.10
N PHE C 192 -3.51 10.35 -6.88
CA PHE C 192 -4.29 9.61 -5.90
C PHE C 192 -5.21 10.57 -5.19
N TYR C 193 -6.41 10.09 -4.85
CA TYR C 193 -7.41 10.92 -4.18
C TYR C 193 -8.24 10.03 -3.27
N ASP C 194 -8.03 10.16 -1.96
CA ASP C 194 -8.76 9.37 -0.98
C ASP C 194 -9.96 10.20 -0.54
N GLY C 195 -11.04 10.11 -1.30
CA GLY C 195 -12.22 10.86 -0.99
C GLY C 195 -13.30 10.62 -2.01
N TRP C 196 -14.48 11.14 -1.69
CA TRP C 196 -15.67 10.99 -2.51
C TRP C 196 -15.94 12.28 -3.26
N THR C 197 -16.97 12.27 -4.10
CA THR C 197 -17.40 13.47 -4.79
C THR C 197 -18.47 14.21 -4.00
N GLN C 198 -19.57 13.54 -3.66
CA GLN C 198 -20.64 14.18 -2.93
C GLN C 198 -20.26 14.41 -1.49
N PHE C 199 -20.91 15.40 -0.88
CA PHE C 199 -20.62 15.73 0.52
C PHE C 199 -21.26 14.74 1.49
N SER C 200 -22.17 13.90 1.01
CA SER C 200 -22.78 12.87 1.83
C SER C 200 -21.99 11.58 1.87
N ARG C 201 -20.83 11.55 1.22
CA ARG C 201 -19.94 10.39 1.14
C ARG C 201 -20.63 9.17 0.53
N ASN C 202 -21.35 9.39 -0.56
CA ASN C 202 -21.97 8.34 -1.33
C ASN C 202 -21.50 8.43 -2.78
N GLY C 203 -21.82 7.41 -3.56
CA GLY C 203 -21.54 7.47 -4.98
C GLY C 203 -20.12 7.06 -5.29
N VAL C 204 -19.49 7.82 -6.18
CA VAL C 204 -18.18 7.43 -6.70
C VAL C 204 -17.10 7.75 -5.67
N TYR C 205 -16.06 6.93 -5.65
CA TYR C 205 -14.93 7.10 -4.74
C TYR C 205 -13.65 6.82 -5.49
N GLY C 206 -12.70 7.74 -5.42
CA GLY C 206 -11.41 7.46 -6.02
C GLY C 206 -10.84 8.60 -6.84
N ILE C 207 -10.12 8.26 -7.92
CA ILE C 207 -9.41 9.25 -8.72
C ILE C 207 -10.28 9.88 -9.79
N ASN C 208 -11.46 9.33 -10.06
CA ASN C 208 -12.31 9.88 -11.11
C ASN C 208 -13.06 11.13 -10.67
N THR C 209 -12.85 11.63 -9.46
CA THR C 209 -13.43 12.91 -9.08
C THR C 209 -12.69 14.06 -9.73
N LEU C 210 -11.44 13.86 -10.14
CA LEU C 210 -10.59 14.91 -10.67
C LEU C 210 -10.33 14.78 -12.18
N ASN C 211 -10.96 13.82 -12.85
CA ASN C 211 -10.67 13.54 -14.25
C ASN C 211 -11.66 14.31 -15.12
N ASN C 212 -11.24 15.49 -15.57
CA ASN C 212 -12.05 16.34 -16.45
C ASN C 212 -11.16 16.96 -17.53
N MET C 213 -10.30 16.15 -18.16
CA MET C 213 -9.37 16.70 -19.13
C MET C 213 -10.01 16.93 -20.50
N GLY C 214 -11.07 16.20 -20.83
CA GLY C 214 -11.77 16.43 -22.07
C GLY C 214 -11.84 15.19 -22.92
N THR C 215 -12.15 15.39 -24.19
CA THR C 215 -12.34 14.30 -25.15
C THR C 215 -11.52 14.61 -26.40
N LEU C 216 -11.28 13.58 -27.21
CA LEU C 216 -10.46 13.70 -28.41
C LEU C 216 -11.13 12.94 -29.55
N TYR C 217 -11.61 13.66 -30.55
CA TYR C 217 -12.36 13.09 -31.64
C TYR C 217 -11.52 13.03 -32.92
N MET C 218 -11.58 11.89 -33.61
CA MET C 218 -10.79 11.65 -34.81
C MET C 218 -11.72 11.17 -35.92
N ARG C 219 -11.45 11.61 -37.16
CA ARG C 219 -12.30 11.24 -38.28
C ARG C 219 -11.52 11.34 -39.58
N HIS C 220 -12.07 10.72 -40.62
CA HIS C 220 -11.58 10.90 -41.98
C HIS C 220 -12.16 12.16 -42.57
N VAL C 221 -11.44 12.76 -43.52
CA VAL C 221 -11.96 13.94 -44.19
C VAL C 221 -12.46 13.60 -45.59
N ASN C 222 -11.76 12.73 -46.31
CA ASN C 222 -12.14 12.35 -47.65
C ASN C 222 -13.42 11.51 -47.65
N GLU C 223 -14.17 11.60 -48.73
CA GLU C 223 -15.36 10.78 -48.88
C GLU C 223 -14.97 9.36 -49.27
N ALA C 224 -15.92 8.44 -49.11
CA ALA C 224 -15.71 7.04 -49.45
C ALA C 224 -15.79 6.89 -50.96
N GLY C 225 -14.64 6.79 -51.63
CA GLY C 225 -14.63 6.70 -53.07
C GLY C 225 -15.12 5.39 -53.65
N GLN C 226 -14.33 4.33 -53.50
CA GLN C 226 -14.71 3.02 -54.00
C GLN C 226 -14.47 1.87 -53.04
N GLY C 227 -13.56 2.00 -52.08
CA GLY C 227 -13.25 0.93 -51.17
C GLY C 227 -13.09 1.43 -49.75
N PRO C 228 -13.54 0.65 -48.78
CA PRO C 228 -13.40 1.05 -47.38
C PRO C 228 -11.95 0.99 -46.93
N ILE C 229 -11.60 1.92 -46.05
CA ILE C 229 -10.24 2.04 -45.51
C ILE C 229 -10.36 2.17 -44.00
N LYS C 230 -9.69 1.29 -43.27
CA LYS C 230 -9.73 1.27 -41.81
C LYS C 230 -8.43 1.83 -41.28
N SER C 231 -8.50 2.95 -40.58
CA SER C 231 -7.32 3.62 -40.07
C SER C 231 -7.14 3.37 -38.58
N THR C 232 -5.99 3.78 -38.06
CA THR C 232 -5.61 3.53 -36.68
C THR C 232 -4.64 4.62 -36.25
N VAL C 233 -4.95 5.30 -35.15
CA VAL C 233 -4.15 6.40 -34.64
C VAL C 233 -3.68 6.05 -33.24
N ARG C 234 -2.37 6.18 -33.00
CA ARG C 234 -1.77 5.93 -31.70
C ARG C 234 -1.30 7.25 -31.10
N ILE C 235 -1.57 7.44 -29.81
CA ILE C 235 -1.35 8.71 -29.12
C ILE C 235 -0.18 8.54 -28.16
N TYR C 236 0.77 9.46 -28.19
CA TYR C 236 2.00 9.37 -27.41
C TYR C 236 2.11 10.57 -26.48
N PHE C 237 2.29 10.30 -25.19
CA PHE C 237 2.46 11.34 -24.18
C PHE C 237 3.94 11.51 -23.87
N LYS C 238 4.34 12.73 -23.56
CA LYS C 238 5.73 13.02 -23.22
C LYS C 238 5.77 14.24 -22.30
N PRO C 239 6.04 14.05 -21.01
CA PRO C 239 6.03 15.19 -20.09
C PRO C 239 7.28 16.03 -20.20
N LYS C 240 7.11 17.35 -20.13
CA LYS C 240 8.21 18.29 -20.07
C LYS C 240 8.06 19.17 -18.85
N HIS C 241 9.20 19.68 -18.37
CA HIS C 241 9.29 20.61 -17.23
C HIS C 241 8.65 20.02 -15.96
N VAL C 242 9.08 18.81 -15.62
CA VAL C 242 8.40 18.00 -14.62
C VAL C 242 8.87 18.38 -13.23
N LYS C 243 7.91 18.55 -12.31
CA LYS C 243 8.18 18.65 -10.89
C LYS C 243 7.36 17.59 -10.18
N ALA C 244 7.93 16.95 -9.17
CA ALA C 244 7.26 15.84 -8.49
C ALA C 244 7.39 15.99 -6.99
N TRP C 245 6.35 15.58 -6.27
CA TRP C 245 6.30 15.68 -4.82
C TRP C 245 5.83 14.36 -4.24
N VAL C 246 6.21 14.12 -2.98
CA VAL C 246 5.75 13.04 -2.12
C VAL C 246 5.92 11.67 -2.76
N PRO C 247 7.14 11.10 -2.75
CA PRO C 247 7.34 9.77 -3.33
C PRO C 247 6.56 8.68 -2.62
N ARG C 248 6.51 7.52 -3.25
CA ARG C 248 5.53 6.49 -2.95
C ARG C 248 6.13 5.15 -3.33
N PRO C 249 5.82 4.07 -2.60
CA PRO C 249 6.33 2.76 -2.98
C PRO C 249 5.72 2.30 -4.29
N PRO C 250 6.48 1.58 -5.12
CA PRO C 250 5.96 1.18 -6.44
C PRO C 250 4.92 0.09 -6.33
N ARG C 251 4.10 0.01 -7.38
CA ARG C 251 2.98 -0.92 -7.40
C ARG C 251 3.48 -2.35 -7.58
N LEU C 252 2.98 -3.27 -6.76
CA LEU C 252 3.40 -4.66 -6.77
C LEU C 252 2.41 -5.55 -7.51
N CYS C 253 1.15 -5.51 -7.12
CA CYS C 253 0.15 -6.34 -7.78
C CYS C 253 -0.21 -5.77 -9.15
N GLN C 254 -0.85 -6.59 -9.96
CA GLN C 254 -1.22 -6.18 -11.31
C GLN C 254 -2.45 -5.28 -11.28
N TYR C 255 -2.49 -4.33 -12.21
CA TYR C 255 -3.66 -3.48 -12.34
C TYR C 255 -4.83 -4.28 -12.90
N GLU C 256 -6.04 -3.95 -12.44
CA GLU C 256 -7.22 -4.67 -12.88
C GLU C 256 -8.23 -3.77 -13.57
N LYS C 257 -8.55 -2.62 -12.99
CA LYS C 257 -9.52 -1.70 -13.57
C LYS C 257 -8.84 -0.37 -13.88
N GLN C 258 -9.56 0.49 -14.59
CA GLN C 258 -9.09 1.82 -14.93
C GLN C 258 -9.41 2.86 -13.88
N LYS C 259 -10.63 2.82 -13.33
CA LYS C 259 -11.10 3.90 -12.48
C LYS C 259 -10.50 3.84 -11.07
N ASN C 260 -10.11 2.66 -10.60
CA ASN C 260 -9.77 2.48 -9.19
C ASN C 260 -8.46 1.71 -9.09
N VAL C 261 -8.14 1.29 -7.86
CA VAL C 261 -6.89 0.58 -7.58
C VAL C 261 -7.18 -0.81 -7.06
N ASN C 262 -8.26 -1.42 -7.53
CA ASN C 262 -8.62 -2.76 -7.11
C ASN C 262 -7.62 -3.77 -7.62
N PHE C 263 -7.37 -4.81 -6.83
CA PHE C 263 -6.30 -5.74 -7.11
C PHE C 263 -6.64 -7.09 -6.51
N SER C 264 -5.82 -8.08 -6.87
CA SER C 264 -5.81 -9.39 -6.25
C SER C 264 -4.53 -9.57 -5.44
N PRO C 265 -4.61 -10.16 -4.26
CA PRO C 265 -3.42 -10.26 -3.42
C PRO C 265 -2.41 -11.27 -3.95
N ILE C 266 -1.13 -10.95 -3.77
CA ILE C 266 -0.03 -11.73 -4.31
C ILE C 266 1.10 -11.70 -3.29
N GLY C 267 2.04 -12.64 -3.42
CA GLY C 267 3.17 -12.68 -2.52
C GLY C 267 4.13 -11.53 -2.75
N VAL C 268 4.99 -11.31 -1.76
CA VAL C 268 5.88 -10.16 -1.83
C VAL C 268 7.05 -10.41 -2.79
N THR C 269 7.55 -11.64 -2.87
CA THR C 269 8.61 -12.01 -3.80
C THR C 269 8.35 -13.41 -4.32
N THR C 270 9.22 -13.87 -5.20
CA THR C 270 9.25 -15.27 -5.58
C THR C 270 10.16 -16.03 -4.61
N SER C 271 9.84 -17.29 -4.38
CA SER C 271 10.43 -18.01 -3.27
C SER C 271 11.66 -18.80 -3.70
N ARG C 272 12.51 -19.09 -2.72
CA ARG C 272 13.64 -19.99 -2.87
C ARG C 272 13.47 -21.18 -1.96
N THR C 273 14.35 -22.17 -2.12
CA THR C 273 14.15 -23.45 -1.46
C THR C 273 14.58 -23.45 0.00
N ASP C 274 15.38 -22.48 0.44
CA ASP C 274 15.90 -22.48 1.79
C ASP C 274 16.27 -21.05 2.16
N ILE C 275 16.68 -20.86 3.41
CA ILE C 275 17.17 -19.55 3.85
C ILE C 275 18.68 -19.42 3.67
N ILE C 276 19.40 -20.54 3.53
CA ILE C 276 20.85 -20.51 3.32
C ILE C 276 21.22 -20.79 1.88
N THR C 277 20.26 -21.04 1.00
CA THR C 277 20.56 -21.37 -0.38
C THR C 277 20.95 -20.12 -1.16
N THR C 278 21.62 -20.34 -2.29
CA THR C 278 22.08 -19.24 -3.12
C THR C 278 21.48 -19.34 -4.53
N SER D 10 20.02 13.61 29.31
CA SER D 10 19.75 12.38 28.57
C SER D 10 18.92 12.66 27.32
N ASP D 11 18.97 11.73 26.37
CA ASP D 11 18.24 11.85 25.11
C ASP D 11 17.04 10.90 25.05
N ARG D 12 16.45 10.58 26.19
CA ARG D 12 15.35 9.64 26.25
C ARG D 12 14.08 10.21 26.84
N VAL D 13 14.07 11.47 27.24
CA VAL D 13 12.92 12.09 27.87
C VAL D 13 12.46 13.27 27.05
N ARG D 14 11.15 13.38 26.83
CA ARG D 14 10.56 14.52 26.14
C ARG D 14 9.45 15.09 27.00
N SER D 15 8.95 16.24 26.57
CA SER D 15 7.77 16.86 27.18
C SER D 15 7.11 17.73 26.13
N ILE D 16 5.92 17.35 25.70
CA ILE D 16 5.19 18.07 24.67
C ILE D 16 3.99 18.74 25.33
N THR D 17 3.86 20.05 25.14
CA THR D 17 2.80 20.84 25.74
C THR D 17 2.02 21.55 24.65
N LEU D 18 0.71 21.31 24.58
CA LEU D 18 -0.12 21.91 23.56
C LEU D 18 -1.46 22.26 24.21
N GLY D 19 -1.80 23.54 24.23
CA GLY D 19 -3.06 23.97 24.81
C GLY D 19 -3.07 23.82 26.31
N ASN D 20 -3.88 22.90 26.82
CA ASN D 20 -3.94 22.61 28.25
C ASN D 20 -3.70 21.13 28.52
N SER D 21 -2.81 20.51 27.74
CA SER D 21 -2.48 19.11 27.89
C SER D 21 -0.98 18.92 27.77
N THR D 22 -0.46 17.90 28.41
CA THR D 22 0.97 17.64 28.42
C THR D 22 1.21 16.14 28.36
N ILE D 23 2.01 15.72 27.39
CA ILE D 23 2.38 14.32 27.20
C ILE D 23 3.85 14.18 27.55
N THR D 24 4.15 13.35 28.55
CA THR D 24 5.52 13.08 28.96
C THR D 24 5.88 11.64 28.67
N THR D 25 7.17 11.38 28.51
CA THR D 25 7.66 10.03 28.32
C THR D 25 9.07 9.94 28.89
N GLN D 26 9.41 8.76 29.39
CA GLN D 26 10.69 8.56 30.08
C GLN D 26 11.70 7.77 29.29
N GLU D 27 11.25 6.90 28.38
CA GLU D 27 12.13 6.28 27.40
C GLU D 27 11.45 6.32 26.05
N CYS D 28 12.20 6.78 25.04
CA CYS D 28 11.66 7.04 23.72
C CYS D 28 12.83 7.24 22.76
N ALA D 29 12.52 7.17 21.48
CA ALA D 29 13.47 7.53 20.45
C ALA D 29 13.33 9.03 20.17
N ASN D 30 13.96 9.50 19.10
CA ASN D 30 13.83 10.90 18.72
C ASN D 30 12.48 11.12 18.06
N VAL D 31 12.14 12.37 17.79
CA VAL D 31 10.89 12.69 17.12
C VAL D 31 11.16 12.98 15.65
N VAL D 32 10.39 12.34 14.78
CA VAL D 32 10.50 12.51 13.34
C VAL D 32 9.49 13.57 12.92
N VAL D 33 9.94 14.56 12.16
CA VAL D 33 9.12 15.69 11.79
C VAL D 33 8.99 15.74 10.27
N GLY D 34 7.85 15.25 9.79
CA GLY D 34 7.34 15.46 8.43
C GLY D 34 8.29 15.05 7.34
N TYR D 35 8.32 15.87 6.29
CA TYR D 35 9.36 15.82 5.28
C TYR D 35 10.40 16.91 5.49
N GLY D 36 10.66 17.25 6.75
CA GLY D 36 11.63 18.27 7.09
C GLY D 36 11.05 19.62 7.47
N VAL D 37 9.74 19.81 7.32
CA VAL D 37 9.11 21.08 7.62
C VAL D 37 8.18 20.92 8.82
N TRP D 38 7.91 22.04 9.48
CA TRP D 38 7.08 22.23 10.65
C TRP D 38 5.74 22.83 10.24
N PRO D 39 4.64 22.46 10.90
CA PRO D 39 3.33 23.01 10.51
C PRO D 39 3.21 24.48 10.90
N GLU D 40 2.84 25.29 9.92
CA GLU D 40 2.68 26.73 10.11
C GLU D 40 1.40 27.18 9.42
N TYR D 41 1.06 28.45 9.58
CA TYR D 41 -0.18 28.98 9.03
C TYR D 41 -0.04 29.23 7.53
N LEU D 42 -1.12 29.67 6.91
CA LEU D 42 -1.15 29.93 5.48
C LEU D 42 -0.73 31.38 5.22
N LYS D 43 0.15 31.56 4.24
CA LYS D 43 0.61 32.89 3.90
C LYS D 43 -0.38 33.58 2.97
N ASP D 44 -0.08 34.84 2.63
CA ASP D 44 -0.91 35.59 1.72
C ASP D 44 -0.55 35.36 0.25
N ASN D 45 0.59 34.73 -0.02
CA ASN D 45 0.96 34.43 -1.39
C ASN D 45 0.19 33.23 -1.94
N GLU D 46 -0.20 32.31 -1.06
CA GLU D 46 -0.82 31.07 -1.48
C GLU D 46 -2.31 31.01 -1.20
N ALA D 47 -2.88 32.04 -0.57
CA ALA D 47 -4.29 32.02 -0.22
C ALA D 47 -5.15 32.29 -1.44
N THR D 48 -6.32 31.64 -1.47
CA THR D 48 -7.28 31.82 -2.54
C THR D 48 -8.67 32.23 -2.08
N ALA D 49 -8.97 32.10 -0.80
CA ALA D 49 -10.25 32.57 -0.29
C ALA D 49 -10.13 34.01 0.15
N GLU D 50 -11.28 34.71 0.20
CA GLU D 50 -11.30 36.13 0.48
C GLU D 50 -11.90 36.51 1.81
N ASP D 51 -12.39 35.55 2.58
CA ASP D 51 -12.91 35.83 3.91
C ASP D 51 -11.85 35.53 4.97
N GLN D 52 -11.94 36.23 6.09
CA GLN D 52 -10.91 36.12 7.11
C GLN D 52 -11.10 34.84 7.90
N PRO D 53 -10.05 34.03 8.07
CA PRO D 53 -10.22 32.72 8.71
C PRO D 53 -10.37 32.83 10.21
N THR D 54 -10.77 31.72 10.81
CA THR D 54 -10.97 31.61 12.25
C THR D 54 -9.88 30.73 12.83
N GLN D 55 -9.06 31.30 13.71
CA GLN D 55 -7.95 30.58 14.34
C GLN D 55 -8.19 30.55 15.84
N PRO D 56 -8.87 29.52 16.36
CA PRO D 56 -9.12 29.49 17.81
C PRO D 56 -7.91 29.07 18.61
N ASP D 57 -7.15 28.09 18.11
CA ASP D 57 -5.76 27.73 18.40
C ASP D 57 -5.40 27.44 19.86
N VAL D 58 -6.37 27.40 20.76
CA VAL D 58 -6.15 26.90 22.11
C VAL D 58 -7.23 25.85 22.31
N ALA D 59 -8.38 26.06 21.66
CA ALA D 59 -9.51 25.17 21.83
C ALA D 59 -9.43 23.94 20.94
N THR D 60 -8.72 24.02 19.81
CA THR D 60 -8.61 22.89 18.90
C THR D 60 -7.20 22.32 18.82
N CYS D 61 -6.18 23.02 19.31
CA CYS D 61 -4.81 22.54 19.27
C CYS D 61 -4.46 21.96 20.63
N ARG D 62 -4.99 20.77 20.91
CA ARG D 62 -4.70 20.07 22.14
C ARG D 62 -4.77 18.57 21.87
N PHE D 63 -4.34 17.78 22.84
CA PHE D 63 -4.18 16.35 22.64
C PHE D 63 -5.50 15.62 22.86
N TYR D 64 -6.00 14.98 21.80
CA TYR D 64 -7.19 14.16 21.87
C TYR D 64 -6.79 12.70 21.85
N THR D 65 -7.29 11.93 22.83
CA THR D 65 -6.91 10.54 23.00
C THR D 65 -7.98 9.64 22.40
N LEU D 66 -7.60 8.83 21.42
CA LEU D 66 -8.52 7.91 20.78
C LEU D 66 -8.75 6.68 21.66
N GLU D 67 -9.54 5.74 21.14
CA GLU D 67 -9.84 4.53 21.87
C GLU D 67 -8.65 3.58 21.80
N SER D 68 -8.55 2.69 22.78
CA SER D 68 -7.43 1.77 22.88
C SER D 68 -7.77 0.43 22.23
N VAL D 69 -6.75 -0.20 21.65
CA VAL D 69 -6.87 -1.51 21.03
C VAL D 69 -5.92 -2.47 21.73
N GLN D 70 -6.19 -3.76 21.60
CA GLN D 70 -5.41 -4.78 22.29
C GLN D 70 -4.46 -5.45 21.31
N TRP D 71 -3.20 -5.59 21.72
CA TRP D 71 -2.19 -6.26 20.92
C TRP D 71 -2.17 -7.74 21.32
N MET D 72 -2.87 -8.56 20.57
CA MET D 72 -2.81 -10.00 20.80
C MET D 72 -1.55 -10.58 20.14
N LYS D 73 -1.33 -11.87 20.34
CA LYS D 73 -0.17 -12.51 19.73
C LYS D 73 -0.35 -12.63 18.22
N ASN D 74 -1.49 -13.16 17.80
CA ASN D 74 -1.81 -13.34 16.38
C ASN D 74 -2.61 -12.18 15.81
N SER D 75 -2.08 -10.97 15.97
CA SER D 75 -2.72 -9.76 15.46
C SER D 75 -2.08 -9.35 14.15
N ALA D 76 -2.81 -8.57 13.36
CA ALA D 76 -2.37 -8.22 12.01
C ALA D 76 -2.08 -6.73 11.82
N GLY D 77 -2.91 -5.85 12.33
CA GLY D 77 -2.68 -4.43 12.15
C GLY D 77 -3.97 -3.64 12.29
N TRP D 78 -3.80 -2.32 12.31
CA TRP D 78 -4.91 -1.38 12.48
C TRP D 78 -4.67 -0.17 11.61
N TRP D 79 -5.74 0.60 11.34
CA TRP D 79 -5.54 1.88 10.67
C TRP D 79 -6.65 2.87 11.07
N TRP D 80 -6.27 4.13 11.18
CA TRP D 80 -7.19 5.25 11.31
C TRP D 80 -6.99 6.19 10.12
N LYS D 81 -7.82 7.23 10.02
CA LYS D 81 -7.72 8.16 8.91
C LYS D 81 -7.30 9.57 9.32
N LEU D 82 -7.93 10.11 10.36
CA LEU D 82 -7.69 11.32 11.14
C LEU D 82 -7.68 12.69 10.45
N PRO D 83 -8.54 12.95 9.46
CA PRO D 83 -9.33 14.19 9.55
C PRO D 83 -10.71 13.81 10.06
N ASP D 84 -10.95 12.51 10.14
CA ASP D 84 -12.26 11.94 10.41
C ASP D 84 -12.34 11.28 11.78
N ALA D 85 -11.22 10.78 12.31
CA ALA D 85 -11.22 10.19 13.63
C ALA D 85 -11.44 11.24 14.72
N LEU D 86 -11.13 12.51 14.43
CA LEU D 86 -11.34 13.60 15.36
C LEU D 86 -12.61 14.39 15.04
N SER D 87 -13.57 13.78 14.35
CA SER D 87 -14.77 14.50 13.95
C SER D 87 -15.81 14.61 15.06
N GLN D 88 -15.64 13.86 16.14
CA GLN D 88 -16.57 13.91 17.28
C GLN D 88 -15.86 14.33 18.56
N MET D 89 -14.65 14.89 18.47
CA MET D 89 -13.82 15.15 19.63
C MET D 89 -13.84 16.65 19.93
N GLY D 90 -14.83 17.09 20.69
CA GLY D 90 -14.80 18.43 21.26
C GLY D 90 -15.04 19.52 20.24
N LEU D 91 -14.30 20.61 20.38
CA LEU D 91 -14.46 21.78 19.54
C LEU D 91 -13.75 21.66 18.21
N PHE D 92 -12.95 20.61 18.01
CA PHE D 92 -12.42 20.36 16.68
C PHE D 92 -13.48 19.76 15.78
N GLY D 93 -14.37 18.94 16.34
CA GLY D 93 -15.44 18.37 15.57
C GLY D 93 -16.64 19.28 15.38
N GLN D 94 -16.69 20.40 16.09
CA GLN D 94 -17.74 21.39 15.87
C GLN D 94 -17.37 22.39 14.80
N ASN D 95 -16.10 22.79 14.74
CA ASN D 95 -15.66 23.70 13.69
C ASN D 95 -15.61 23.03 12.33
N MET D 96 -15.51 21.70 12.28
CA MET D 96 -15.59 20.99 11.01
C MET D 96 -16.98 20.99 10.42
N GLN D 97 -18.01 21.15 11.25
CA GLN D 97 -19.38 21.08 10.77
C GLN D 97 -19.88 22.43 10.26
N TYR D 98 -19.62 23.50 10.99
CA TYR D 98 -20.12 24.80 10.61
C TYR D 98 -19.30 25.48 9.53
N HIS D 99 -18.13 24.94 9.18
CA HIS D 99 -17.28 25.53 8.17
C HIS D 99 -17.18 24.64 6.95
N TYR D 100 -16.88 25.25 5.81
CA TYR D 100 -16.79 24.53 4.54
C TYR D 100 -15.37 24.10 4.23
N LEU D 101 -14.38 24.94 4.49
CA LEU D 101 -12.99 24.64 4.25
C LEU D 101 -12.28 24.36 5.57
N GLY D 102 -10.97 24.15 5.47
CA GLY D 102 -10.17 23.95 6.66
C GLY D 102 -8.84 23.27 6.39
N ARG D 103 -7.78 23.73 7.03
CA ARG D 103 -6.48 23.10 6.92
C ARG D 103 -5.87 23.00 8.31
N THR D 104 -5.00 21.99 8.47
CA THR D 104 -4.39 21.70 9.77
C THR D 104 -3.18 20.80 9.58
N GLY D 105 -2.34 20.77 10.59
CA GLY D 105 -1.27 19.80 10.69
C GLY D 105 -1.40 19.06 12.00
N TYR D 106 -0.85 17.86 12.10
CA TYR D 106 -1.07 17.02 13.27
C TYR D 106 0.25 16.69 13.94
N THR D 107 0.14 16.23 15.19
CA THR D 107 1.22 15.53 15.87
C THR D 107 0.65 14.28 16.52
N ILE D 108 1.25 13.14 16.21
CA ILE D 108 0.71 11.83 16.58
C ILE D 108 1.65 11.21 17.60
N HIS D 109 1.09 10.58 18.62
CA HIS D 109 1.87 9.97 19.69
C HIS D 109 1.28 8.59 20.01
N VAL D 110 1.87 7.55 19.45
CA VAL D 110 1.45 6.18 19.72
C VAL D 110 2.27 5.66 20.89
N GLN D 111 1.59 5.07 21.87
CA GLN D 111 2.25 4.64 23.10
C GLN D 111 1.80 3.24 23.48
N CYS D 112 2.76 2.40 23.85
CA CYS D 112 2.51 1.00 24.15
C CYS D 112 3.66 0.49 25.00
N ASN D 113 3.37 0.06 26.22
CA ASN D 113 4.39 -0.30 27.18
C ASN D 113 4.31 -1.78 27.55
N ALA D 114 5.47 -2.36 27.79
CA ALA D 114 5.57 -3.74 28.26
C ALA D 114 6.83 -3.87 29.09
N SER D 115 6.98 -5.00 29.76
CA SER D 115 8.08 -5.21 30.68
C SER D 115 9.34 -5.62 29.91
N LYS D 116 10.38 -6.01 30.64
CA LYS D 116 11.63 -6.45 30.03
C LYS D 116 11.58 -7.90 29.56
N PHE D 117 10.49 -8.61 29.80
CA PHE D 117 10.38 -10.02 29.47
C PHE D 117 9.52 -10.25 28.24
N HIS D 118 8.91 -9.20 27.69
CA HIS D 118 8.12 -9.29 26.46
C HIS D 118 9.00 -8.94 25.26
N GLN D 119 8.48 -9.26 24.08
CA GLN D 119 9.20 -8.96 22.85
C GLN D 119 8.20 -8.68 21.74
N GLY D 120 8.59 -7.81 20.82
CA GLY D 120 7.71 -7.42 19.73
C GLY D 120 8.25 -6.18 19.07
N CYS D 121 7.60 -5.82 17.97
CA CYS D 121 8.05 -4.69 17.17
C CYS D 121 6.92 -4.21 16.28
N LEU D 122 6.57 -2.92 16.40
CA LEU D 122 5.54 -2.30 15.58
C LEU D 122 6.17 -1.40 14.54
N LEU D 123 5.40 -1.08 13.51
CA LEU D 123 5.76 -0.07 12.52
C LEU D 123 4.68 0.99 12.54
N VAL D 124 5.01 2.18 13.01
CA VAL D 124 4.08 3.30 13.10
C VAL D 124 4.41 4.21 11.92
N VAL D 125 3.55 4.17 10.90
CA VAL D 125 3.75 4.96 9.69
C VAL D 125 2.51 5.83 9.50
N CYS D 126 2.68 6.96 8.81
CA CYS D 126 1.59 7.90 8.57
C CYS D 126 1.64 8.30 7.10
N VAL D 127 0.75 7.71 6.30
CA VAL D 127 0.84 7.84 4.85
C VAL D 127 -0.13 8.91 4.37
N PRO D 128 0.22 9.69 3.35
CA PRO D 128 -0.76 10.60 2.75
C PRO D 128 -1.46 10.02 1.53
N GLU D 129 -2.75 10.30 1.40
CA GLU D 129 -3.59 9.94 0.25
C GLU D 129 -3.58 8.43 -0.01
N ALA D 130 -4.12 7.68 0.97
CA ALA D 130 -4.15 6.23 0.89
C ALA D 130 -5.47 5.79 0.28
N GLU D 131 -5.45 5.44 -1.00
CA GLU D 131 -6.61 4.83 -1.63
C GLU D 131 -6.58 3.33 -1.34
N MET D 132 -7.70 2.80 -0.87
CA MET D 132 -7.79 1.39 -0.54
C MET D 132 -8.51 0.63 -1.64
N GLY D 133 -8.16 -0.64 -1.78
CA GLY D 133 -8.77 -1.48 -2.79
C GLY D 133 -9.89 -2.32 -2.22
N CYS D 134 -10.90 -2.56 -3.04
CA CYS D 134 -12.08 -3.31 -2.60
C CYS D 134 -11.88 -4.79 -2.84
N SER D 135 -12.68 -5.60 -2.14
CA SER D 135 -12.60 -7.04 -2.31
C SER D 135 -13.30 -7.47 -3.59
N ASN D 136 -14.49 -6.95 -3.83
CA ASN D 136 -15.15 -7.15 -5.11
C ASN D 136 -14.49 -6.27 -6.16
N LEU D 137 -14.09 -6.88 -7.27
CA LEU D 137 -13.23 -6.20 -8.24
C LEU D 137 -13.92 -5.10 -9.02
N ASN D 138 -15.25 -5.05 -9.03
CA ASN D 138 -15.96 -4.05 -9.81
C ASN D 138 -16.34 -2.81 -9.02
N ASN D 139 -16.54 -2.93 -7.72
CA ASN D 139 -17.01 -1.82 -6.90
C ASN D 139 -15.86 -1.17 -6.13
N THR D 140 -16.17 -0.04 -5.51
CA THR D 140 -15.33 0.69 -4.59
C THR D 140 -15.91 0.56 -3.18
N PRO D 141 -15.07 0.54 -2.14
CA PRO D 141 -15.58 0.29 -0.79
C PRO D 141 -16.40 1.45 -0.26
N GLU D 142 -17.37 1.12 0.59
CA GLU D 142 -18.26 2.12 1.14
C GLU D 142 -17.59 2.87 2.28
N PHE D 143 -18.34 3.77 2.92
CA PHE D 143 -17.75 4.65 3.91
C PHE D 143 -17.48 3.93 5.23
N SER D 144 -18.43 3.13 5.70
CA SER D 144 -18.28 2.52 7.02
C SER D 144 -17.26 1.39 7.05
N GLU D 145 -16.85 0.88 5.89
CA GLU D 145 -15.77 -0.09 5.83
C GLU D 145 -14.41 0.55 5.66
N LEU D 146 -14.36 1.84 5.33
CA LEU D 146 -13.09 2.53 5.13
C LEU D 146 -12.59 3.20 6.40
N SER D 147 -13.49 3.75 7.20
CA SER D 147 -13.08 4.53 8.37
C SER D 147 -14.17 4.49 9.41
N GLY D 148 -13.77 4.31 10.67
CA GLY D 148 -14.65 4.46 11.81
C GLY D 148 -14.23 5.67 12.62
N GLY D 149 -15.20 6.39 13.14
CA GLY D 149 -14.92 7.50 14.04
C GLY D 149 -14.35 6.98 15.34
N ASP D 150 -13.13 7.45 15.66
CA ASP D 150 -12.24 7.04 16.79
C ASP D 150 -12.33 5.56 17.17
N SER D 151 -12.45 4.70 16.16
CA SER D 151 -12.47 3.25 16.33
C SER D 151 -11.63 2.63 15.23
N ALA D 152 -10.76 1.70 15.60
CA ALA D 152 -9.80 1.17 14.65
C ALA D 152 -10.43 0.14 13.74
N ARG D 153 -10.10 0.21 12.46
CA ARG D 153 -10.38 -0.86 11.52
C ARG D 153 -9.14 -1.73 11.40
N MET D 154 -9.33 -3.04 11.35
CA MET D 154 -8.26 -3.99 11.56
C MET D 154 -7.91 -4.75 10.28
N PHE D 155 -6.62 -4.94 10.05
CA PHE D 155 -6.14 -5.80 8.97
C PHE D 155 -6.35 -7.26 9.34
N THR D 156 -6.28 -8.12 8.32
CA THR D 156 -6.29 -9.55 8.51
C THR D 156 -5.05 -10.15 7.86
N ASP D 157 -4.77 -11.40 8.21
CA ASP D 157 -3.68 -12.14 7.56
C ASP D 157 -4.18 -13.17 6.56
N THR D 158 -5.45 -13.12 6.19
CA THR D 158 -6.03 -13.96 5.16
C THR D 158 -6.47 -13.09 4.00
N GLN D 159 -7.13 -13.71 3.03
CA GLN D 159 -7.62 -13.00 1.84
C GLN D 159 -9.13 -12.87 1.91
N VAL D 160 -9.63 -11.64 1.82
CA VAL D 160 -11.05 -11.38 1.96
C VAL D 160 -11.76 -11.78 0.68
N GLY D 161 -12.89 -12.49 0.82
CA GLY D 161 -13.63 -12.96 -0.33
C GLY D 161 -14.27 -11.83 -1.13
N GLU D 162 -14.52 -12.12 -2.41
CA GLU D 162 -14.93 -11.09 -3.35
C GLU D 162 -16.45 -10.99 -3.52
N SER D 163 -17.21 -11.98 -3.04
CA SER D 163 -18.65 -11.94 -3.28
C SER D 163 -19.39 -11.17 -2.19
N ASN D 164 -18.68 -10.55 -1.26
CA ASN D 164 -19.30 -9.63 -0.32
C ASN D 164 -19.73 -8.36 -1.05
N ALA D 165 -20.59 -7.56 -0.41
CA ALA D 165 -21.18 -6.41 -1.08
C ALA D 165 -20.14 -5.33 -1.39
N LYS D 166 -19.55 -4.73 -0.35
CA LYS D 166 -18.51 -3.71 -0.50
C LYS D 166 -17.61 -3.82 0.74
N LYS D 167 -16.42 -4.36 0.55
CA LYS D 167 -15.48 -4.57 1.65
C LYS D 167 -14.07 -4.29 1.18
N VAL D 168 -13.27 -3.73 2.08
CA VAL D 168 -11.88 -3.44 1.76
C VAL D 168 -11.08 -4.74 1.77
N GLN D 169 -10.20 -4.91 0.80
CA GLN D 169 -9.25 -6.01 0.81
C GLN D 169 -8.20 -5.74 1.88
N THR D 170 -8.22 -6.52 2.96
CA THR D 170 -7.39 -6.29 4.12
C THR D 170 -6.30 -7.34 4.29
N ALA D 171 -5.67 -7.73 3.19
CA ALA D 171 -4.48 -8.57 3.27
C ALA D 171 -3.31 -7.72 3.72
N VAL D 172 -2.68 -8.11 4.83
CA VAL D 172 -1.74 -7.22 5.49
C VAL D 172 -0.41 -7.16 4.75
N TRP D 173 -0.06 -8.21 3.98
CA TRP D 173 1.22 -8.19 3.28
C TRP D 173 1.18 -7.32 2.03
N ASN D 174 0.00 -6.88 1.60
CA ASN D 174 -0.13 -5.91 0.53
C ASN D 174 -0.59 -4.56 1.04
N ALA D 175 -0.85 -4.43 2.34
CA ALA D 175 -1.16 -3.19 3.05
C ALA D 175 -2.41 -2.49 2.53
N GLY D 176 -3.30 -3.20 1.86
CA GLY D 176 -4.56 -2.63 1.39
C GLY D 176 -4.47 -1.76 0.17
N MET D 177 -3.28 -1.32 -0.24
CA MET D 177 -3.14 -0.42 -1.38
C MET D 177 -2.44 -1.07 -2.56
N GLY D 178 -2.04 -2.33 -2.46
CA GLY D 178 -1.43 -3.02 -3.58
C GLY D 178 0.06 -2.85 -3.69
N VAL D 179 0.71 -2.33 -2.66
CA VAL D 179 2.16 -2.19 -2.64
C VAL D 179 2.73 -3.21 -1.67
N GLY D 180 4.04 -3.41 -1.74
CA GLY D 180 4.70 -4.27 -0.79
C GLY D 180 4.75 -3.63 0.58
N VAL D 181 4.48 -4.43 1.62
CA VAL D 181 4.41 -3.88 2.96
C VAL D 181 5.80 -3.57 3.51
N GLY D 182 6.85 -4.14 2.93
CA GLY D 182 8.19 -3.78 3.34
C GLY D 182 8.62 -2.41 2.88
N ASN D 183 8.09 -1.93 1.76
CA ASN D 183 8.46 -0.65 1.20
C ASN D 183 7.64 0.51 1.75
N LEU D 184 7.00 0.33 2.91
CA LEU D 184 6.24 1.41 3.53
C LEU D 184 7.12 2.34 4.35
N THR D 185 8.43 2.13 4.39
CA THR D 185 9.33 2.94 5.18
C THR D 185 9.80 4.19 4.47
N ILE D 186 9.31 4.45 3.26
CA ILE D 186 9.67 5.67 2.56
C ILE D 186 8.87 6.86 3.09
N PHE D 187 7.66 6.61 3.59
CA PHE D 187 6.88 7.61 4.29
C PHE D 187 7.51 7.90 5.65
N PRO D 188 7.18 9.02 6.29
CA PRO D 188 7.68 9.27 7.64
C PRO D 188 7.14 8.23 8.63
N HIS D 189 8.04 7.63 9.38
CA HIS D 189 7.71 6.44 10.15
C HIS D 189 8.65 6.30 11.33
N GLN D 190 8.22 5.51 12.30
CA GLN D 190 9.06 5.13 13.44
C GLN D 190 8.70 3.71 13.85
N TRP D 191 9.56 3.10 14.64
CA TRP D 191 9.34 1.75 15.13
C TRP D 191 9.22 1.77 16.64
N ILE D 192 8.28 0.98 17.15
CA ILE D 192 8.18 0.77 18.60
C ILE D 192 8.74 -0.61 18.89
N ASN D 193 10.03 -0.68 19.17
CA ASN D 193 10.68 -1.92 19.54
C ASN D 193 10.59 -2.06 21.06
N LEU D 194 9.95 -3.12 21.53
CA LEU D 194 9.68 -3.29 22.95
C LEU D 194 10.94 -3.58 23.76
N ARG D 195 12.06 -3.88 23.11
CA ARG D 195 13.31 -4.04 23.83
C ARG D 195 13.85 -2.70 24.31
N THR D 196 13.85 -1.68 23.43
CA THR D 196 14.37 -0.36 23.77
C THR D 196 13.28 0.70 23.80
N ASN D 197 12.54 0.87 22.71
CA ASN D 197 11.62 1.99 22.57
C ASN D 197 10.35 1.75 23.40
N ASN D 198 9.62 2.84 23.62
CA ASN D 198 8.35 2.77 24.33
C ASN D 198 7.24 3.56 23.66
N SER D 199 7.53 4.58 22.86
CA SER D 199 6.50 5.37 22.20
C SER D 199 7.10 6.01 20.96
N ALA D 200 6.25 6.21 19.96
CA ALA D 200 6.65 6.86 18.71
C ALA D 200 5.93 8.18 18.57
N THR D 201 6.61 9.15 17.95
CA THR D 201 6.07 10.50 17.81
C THR D 201 6.36 11.00 16.39
N LEU D 202 5.32 11.52 15.73
CA LEU D 202 5.44 12.06 14.38
C LEU D 202 4.76 13.41 14.33
N VAL D 203 5.39 14.35 13.64
CA VAL D 203 4.83 15.68 13.43
C VAL D 203 4.63 15.88 11.94
N MET D 204 3.38 15.96 11.51
CA MET D 204 3.06 15.97 10.09
C MET D 204 2.53 17.32 9.66
N PRO D 205 3.05 17.89 8.56
CA PRO D 205 2.48 19.14 8.05
C PRO D 205 1.29 18.90 7.16
N TYR D 206 0.78 19.95 6.52
CA TYR D 206 -0.37 19.85 5.64
C TYR D 206 0.11 19.50 4.23
N ILE D 207 -0.24 18.30 3.77
CA ILE D 207 0.20 17.80 2.46
C ILE D 207 -1.03 17.64 1.59
N ASN D 208 -1.19 18.56 0.64
CA ASN D 208 -2.31 18.52 -0.30
C ASN D 208 -1.95 19.38 -1.51
N SER D 209 -2.60 19.08 -2.64
CA SER D 209 -2.38 19.80 -3.87
C SER D 209 -3.20 21.08 -3.98
N VAL D 210 -4.02 21.38 -2.98
CA VAL D 210 -4.81 22.61 -2.94
C VAL D 210 -4.50 23.27 -1.59
N PRO D 211 -4.57 24.59 -1.47
CA PRO D 211 -4.20 25.22 -0.19
C PRO D 211 -5.19 24.96 0.93
N MET D 212 -6.46 24.72 0.61
CA MET D 212 -7.47 24.35 1.58
C MET D 212 -8.39 23.32 0.97
N ASP D 213 -9.00 22.50 1.81
CA ASP D 213 -9.87 21.45 1.31
C ASP D 213 -10.99 21.21 2.31
N ASN D 214 -12.10 20.67 1.81
CA ASN D 214 -13.19 20.27 2.69
C ASN D 214 -12.76 19.08 3.52
N MET D 215 -13.21 19.03 4.77
CA MET D 215 -12.71 18.05 5.71
C MET D 215 -13.63 16.86 5.89
N PHE D 216 -14.80 16.84 5.26
CA PHE D 216 -15.74 15.74 5.39
C PHE D 216 -15.74 14.79 4.21
N ARG D 217 -15.17 15.16 3.07
CA ARG D 217 -15.11 14.26 1.92
C ARG D 217 -13.68 14.06 1.43
N HIS D 218 -12.68 14.29 2.27
CA HIS D 218 -11.30 14.04 1.88
C HIS D 218 -10.49 13.73 3.12
N ASN D 219 -9.94 12.51 3.17
CA ASN D 219 -9.06 12.08 4.26
C ASN D 219 -7.64 12.04 3.69
N ASN D 220 -6.86 13.08 3.97
CA ASN D 220 -5.55 13.22 3.35
C ASN D 220 -4.44 12.57 4.15
N LEU D 221 -4.77 11.79 5.18
CA LEU D 221 -3.77 11.04 5.93
C LEU D 221 -4.32 9.67 6.27
N THR D 222 -3.43 8.80 6.74
CA THR D 222 -3.80 7.47 7.22
C THR D 222 -2.67 7.00 8.13
N LEU D 223 -3.01 6.65 9.36
CA LEU D 223 -2.03 6.18 10.33
C LEU D 223 -2.15 4.67 10.45
N MET D 224 -1.10 3.96 10.05
CA MET D 224 -1.09 2.50 10.07
C MET D 224 -0.12 2.00 11.12
N ILE D 225 -0.53 0.96 11.84
CA ILE D 225 0.30 0.31 12.85
C ILE D 225 0.32 -1.17 12.52
N ILE D 226 1.49 -1.69 12.12
CA ILE D 226 1.62 -3.06 11.64
C ILE D 226 2.68 -3.77 12.48
N PRO D 227 2.34 -4.85 13.18
CA PRO D 227 3.35 -5.61 13.93
C PRO D 227 4.15 -6.53 13.02
N PHE D 228 5.44 -6.23 12.86
CA PHE D 228 6.29 -7.06 12.02
C PHE D 228 6.75 -8.30 12.77
N VAL D 229 7.31 -8.12 13.96
CA VAL D 229 7.66 -9.23 14.84
C VAL D 229 6.57 -9.32 15.89
N PRO D 230 5.85 -10.43 15.99
CA PRO D 230 4.65 -10.48 16.83
C PRO D 230 4.98 -10.54 18.30
N LEU D 231 3.97 -10.27 19.12
CA LEU D 231 4.14 -10.28 20.56
C LEU D 231 4.34 -11.70 21.07
N ASN D 232 5.26 -11.86 22.02
CA ASN D 232 5.51 -13.16 22.60
C ASN D 232 6.02 -12.97 24.02
N TYR D 233 5.66 -13.91 24.89
CA TYR D 233 6.07 -13.86 26.28
C TYR D 233 5.97 -15.27 26.85
N SER D 234 6.72 -15.51 27.91
CA SER D 234 6.58 -16.79 28.59
C SER D 234 5.35 -16.77 29.48
N GLU D 235 5.02 -17.94 30.03
CA GLU D 235 3.84 -18.07 30.87
C GLU D 235 4.11 -17.48 32.23
N GLY D 236 3.27 -16.56 32.67
CA GLY D 236 3.44 -15.89 33.94
C GLY D 236 3.40 -14.39 33.79
N SER D 237 3.80 -13.89 32.62
CA SER D 237 3.77 -12.46 32.37
C SER D 237 2.34 -12.00 32.07
N SER D 238 2.16 -10.70 32.03
CA SER D 238 0.84 -10.12 31.83
C SER D 238 0.41 -10.30 30.38
N PRO D 239 -0.74 -10.92 30.11
CA PRO D 239 -1.13 -11.19 28.72
C PRO D 239 -1.83 -10.04 28.03
N TYR D 240 -2.23 -8.99 28.74
CA TYR D 240 -2.99 -7.89 28.17
C TYR D 240 -2.07 -6.71 27.93
N VAL D 241 -1.76 -6.44 26.66
CA VAL D 241 -0.92 -5.30 26.29
C VAL D 241 -1.72 -4.39 25.38
N PRO D 242 -2.11 -3.20 25.83
CA PRO D 242 -2.90 -2.30 24.99
C PRO D 242 -2.04 -1.29 24.24
N ILE D 243 -2.67 -0.68 23.23
CA ILE D 243 -2.06 0.36 22.40
C ILE D 243 -2.99 1.56 22.41
N THR D 244 -2.45 2.74 22.70
CA THR D 244 -3.24 3.96 22.77
C THR D 244 -2.62 5.02 21.88
N VAL D 245 -3.46 5.77 21.17
CA VAL D 245 -3.01 6.76 20.19
C VAL D 245 -3.62 8.11 20.57
N THR D 246 -2.77 9.12 20.77
CA THR D 246 -3.20 10.48 21.06
C THR D 246 -2.76 11.39 19.93
N ILE D 247 -3.71 12.10 19.33
CA ILE D 247 -3.46 12.99 18.21
C ILE D 247 -3.79 14.41 18.63
N ALA D 248 -3.02 15.38 18.14
CA ALA D 248 -3.25 16.78 18.45
C ALA D 248 -3.11 17.61 17.19
N PRO D 249 -4.12 18.37 16.79
CA PRO D 249 -3.97 19.26 15.64
C PRO D 249 -3.03 20.42 15.96
N MET D 250 -2.42 20.96 14.91
CA MET D 250 -1.48 22.06 15.04
C MET D 250 -1.74 23.07 13.94
N CYS D 251 -1.94 24.33 14.32
CA CYS D 251 -2.11 25.48 13.42
C CYS D 251 -3.31 25.29 12.50
N ALA D 252 -4.48 25.16 13.10
CA ALA D 252 -5.71 24.91 12.36
C ALA D 252 -6.46 26.21 12.10
N GLU D 253 -7.11 26.28 10.93
CA GLU D 253 -7.89 27.45 10.56
C GLU D 253 -8.97 27.01 9.59
N TYR D 254 -10.05 27.79 9.52
CA TYR D 254 -11.23 27.41 8.78
C TYR D 254 -11.80 28.62 8.05
N ASN D 255 -12.53 28.35 6.96
CA ASN D 255 -13.23 29.38 6.20
C ASN D 255 -14.61 28.87 5.80
N GLY D 256 -15.44 29.81 5.33
CA GLY D 256 -16.74 29.48 4.80
C GLY D 256 -17.75 29.05 5.85
N LEU D 257 -18.17 29.98 6.71
CA LEU D 257 -19.14 29.66 7.75
C LEU D 257 -20.51 29.48 7.13
N ARG D 258 -21.22 28.45 7.57
CA ARG D 258 -22.54 28.13 7.03
C ARG D 258 -23.34 27.44 8.13
N LEU D 259 -24.39 26.73 7.74
CA LEU D 259 -25.23 26.01 8.70
C LEU D 259 -24.53 24.72 9.14
N ALA D 260 -25.25 23.87 9.88
CA ALA D 260 -24.59 22.85 10.69
C ALA D 260 -24.12 21.66 9.86
N SER D 261 -24.98 21.15 8.98
CA SER D 261 -24.79 19.91 8.22
C SER D 261 -24.45 18.71 9.11
N GLY E 1 14.33 32.60 -50.63
CA GLY E 1 14.76 31.35 -51.24
C GLY E 1 16.15 30.94 -50.83
N LEU E 2 16.38 30.82 -49.53
CA LEU E 2 17.67 30.37 -49.03
C LEU E 2 17.85 28.88 -49.34
N PRO E 3 18.93 28.47 -49.99
CA PRO E 3 19.08 27.06 -50.38
C PRO E 3 19.47 26.20 -49.19
N VAL E 4 18.69 25.15 -48.94
CA VAL E 4 19.00 24.19 -47.88
C VAL E 4 19.12 22.81 -48.48
N MET E 5 19.38 21.81 -47.63
CA MET E 5 19.53 20.43 -48.08
C MET E 5 19.19 19.52 -46.92
N THR E 6 18.21 18.65 -47.11
CA THR E 6 17.73 17.81 -46.02
C THR E 6 18.58 16.57 -45.86
N THR E 7 19.18 16.41 -44.70
CA THR E 7 20.06 15.31 -44.32
C THR E 7 19.25 14.07 -44.03
N PRO E 8 19.89 12.89 -43.96
CA PRO E 8 19.19 11.71 -43.43
C PRO E 8 18.79 11.91 -41.98
N GLY E 9 17.71 11.23 -41.59
CA GLY E 9 17.10 11.46 -40.31
C GLY E 9 15.98 12.46 -40.31
N SER E 10 15.45 12.80 -41.48
CA SER E 10 14.35 13.75 -41.59
C SER E 10 13.02 13.02 -41.53
N THR E 11 12.02 13.71 -40.98
CA THR E 11 10.62 13.25 -40.85
C THR E 11 10.53 11.91 -40.12
N GLN E 12 11.34 11.75 -39.08
CA GLN E 12 11.30 10.55 -38.24
C GLN E 12 10.81 10.92 -36.86
N PHE E 13 10.38 9.91 -36.12
CA PHE E 13 9.82 10.08 -34.78
C PHE E 13 10.68 9.26 -33.83
N LEU E 14 11.72 9.89 -33.28
CA LEU E 14 12.54 9.28 -32.24
C LEU E 14 11.95 9.64 -30.89
N THR E 15 11.75 8.65 -30.04
CA THR E 15 11.00 8.86 -28.81
C THR E 15 11.82 9.43 -27.68
N SER E 16 13.02 9.92 -27.93
CA SER E 16 13.84 10.54 -26.89
C SER E 16 14.52 11.80 -27.42
N ASP E 17 13.76 12.63 -28.11
CA ASP E 17 14.29 13.87 -28.68
C ASP E 17 13.78 15.10 -27.94
N ASP E 18 14.58 16.16 -27.97
CA ASP E 18 14.25 17.43 -27.34
C ASP E 18 14.15 18.48 -28.44
N PHE E 19 12.95 18.62 -29.01
CA PHE E 19 12.69 19.64 -30.02
C PHE E 19 11.57 20.55 -29.54
N GLN E 20 11.51 21.74 -30.12
CA GLN E 20 10.42 22.66 -29.86
C GLN E 20 9.23 22.34 -30.75
N SER E 21 8.06 22.77 -30.33
CA SER E 21 6.81 22.44 -31.01
C SER E 21 5.80 23.53 -30.71
N PRO E 22 4.93 23.87 -31.66
CA PRO E 22 4.00 24.98 -31.44
C PRO E 22 2.93 24.63 -30.42
N SER E 23 2.57 25.62 -29.61
CA SER E 23 1.60 25.41 -28.54
C SER E 23 0.19 25.33 -29.12
N ALA E 24 -0.66 24.54 -28.45
CA ALA E 24 -2.04 24.40 -28.90
C ALA E 24 -2.94 25.48 -28.32
N MET E 25 -2.69 25.90 -27.08
CA MET E 25 -3.47 26.94 -26.42
C MET E 25 -2.57 28.13 -26.15
N PRO E 26 -2.59 29.16 -26.98
CA PRO E 26 -1.68 30.29 -26.80
C PRO E 26 -2.14 31.21 -25.68
N GLN E 27 -1.16 31.80 -24.99
CA GLN E 27 -1.35 32.74 -23.89
C GLN E 27 -2.18 32.15 -22.75
N PHE E 28 -1.95 30.88 -22.47
CA PHE E 28 -2.66 30.22 -21.37
C PHE E 28 -2.04 30.63 -20.05
N ASP E 29 -2.89 30.89 -19.07
CA ASP E 29 -2.46 31.37 -17.76
C ASP E 29 -2.49 30.17 -16.82
N VAL E 30 -1.32 29.73 -16.39
CA VAL E 30 -1.23 28.55 -15.54
C VAL E 30 -1.60 28.91 -14.11
N THR E 31 -1.84 27.88 -13.32
CA THR E 31 -2.12 28.06 -11.90
C THR E 31 -0.79 28.28 -11.17
N PRO E 32 -0.70 29.27 -10.28
CA PRO E 32 0.58 29.57 -9.64
C PRO E 32 1.03 28.47 -8.69
N GLU E 33 2.35 28.44 -8.47
CA GLU E 33 3.01 27.38 -7.72
C GLU E 33 2.74 27.53 -6.23
N MET E 34 3.02 26.46 -5.49
CA MET E 34 2.74 26.40 -4.06
C MET E 34 3.72 25.45 -3.40
N GLN E 35 4.23 25.85 -2.23
CA GLN E 35 5.21 25.04 -1.51
C GLN E 35 4.58 23.79 -0.92
N ILE E 36 4.65 22.69 -1.66
CA ILE E 36 4.20 21.38 -1.16
C ILE E 36 5.38 20.69 -0.51
N PRO E 37 5.24 20.15 0.69
CA PRO E 37 6.38 19.51 1.35
C PRO E 37 6.75 18.19 0.73
N GLY E 38 8.06 17.95 0.60
CA GLY E 38 8.55 16.68 0.12
C GLY E 38 8.78 16.62 -1.37
N ARG E 39 9.55 17.56 -1.90
CA ARG E 39 9.87 17.57 -3.31
C ARG E 39 11.07 16.69 -3.60
N VAL E 40 10.93 15.79 -4.57
CA VAL E 40 12.00 14.90 -4.98
C VAL E 40 12.64 15.45 -6.25
N ASN E 41 13.97 15.60 -6.21
CA ASN E 41 14.73 16.15 -7.32
C ASN E 41 15.48 15.10 -8.13
N ASN E 42 15.62 13.89 -7.60
CA ASN E 42 16.45 12.87 -8.21
C ASN E 42 15.98 11.52 -7.69
N LEU E 43 16.06 10.50 -8.54
CA LEU E 43 15.65 9.17 -8.10
C LEU E 43 16.69 8.48 -7.24
N MET E 44 17.88 9.05 -7.09
CA MET E 44 18.91 8.49 -6.24
C MET E 44 18.84 9.01 -4.82
N GLU E 45 17.68 9.47 -4.37
CA GLU E 45 17.42 9.69 -2.94
C GLU E 45 16.20 8.92 -2.47
N ILE E 46 15.44 8.33 -3.39
CA ILE E 46 14.46 7.32 -3.01
C ILE E 46 15.17 6.03 -2.64
N ALA E 47 16.23 5.68 -3.35
CA ALA E 47 16.98 4.46 -3.09
C ALA E 47 17.86 4.55 -1.85
N GLU E 48 18.06 5.73 -1.28
CA GLU E 48 18.84 5.89 -0.06
C GLU E 48 18.00 5.78 1.19
N VAL E 49 16.74 5.37 1.07
CA VAL E 49 15.88 5.12 2.22
C VAL E 49 15.80 3.63 2.44
N ASP E 50 15.96 3.20 3.69
CA ASP E 50 16.03 1.78 4.00
C ASP E 50 14.66 1.13 3.89
N SER E 51 14.65 -0.15 3.55
CA SER E 51 13.41 -0.91 3.42
C SER E 51 13.67 -2.33 3.85
N VAL E 52 12.66 -2.96 4.44
CA VAL E 52 12.83 -4.31 4.97
C VAL E 52 12.86 -5.31 3.81
N VAL E 53 13.83 -6.21 3.85
CA VAL E 53 14.09 -7.14 2.75
C VAL E 53 13.56 -8.52 3.14
N PRO E 54 12.83 -9.21 2.26
CA PRO E 54 12.29 -10.53 2.63
C PRO E 54 13.31 -11.65 2.52
N VAL E 55 14.10 -11.85 3.58
CA VAL E 55 15.14 -12.88 3.55
C VAL E 55 14.53 -14.28 3.62
N ASN E 56 13.43 -14.45 4.35
CA ASN E 56 12.91 -15.77 4.68
C ASN E 56 11.81 -16.18 3.70
N ASN E 57 12.23 -16.52 2.48
CA ASN E 57 11.33 -17.11 1.48
C ASN E 57 11.46 -18.63 1.57
N THR E 58 10.40 -19.30 2.02
CA THR E 58 10.43 -20.75 2.08
C THR E 58 9.13 -21.32 1.52
N GLU E 59 8.70 -20.79 0.37
CA GLU E 59 7.63 -21.32 -0.49
C GLU E 59 6.23 -21.24 0.11
N ASP E 60 6.11 -20.79 1.37
CA ASP E 60 4.80 -20.58 1.97
C ASP E 60 4.80 -19.40 2.92
N ASN E 61 5.92 -18.69 3.06
CA ASN E 61 6.01 -17.49 3.87
C ASN E 61 5.97 -16.23 3.03
N VAL E 62 5.87 -16.35 1.70
CA VAL E 62 5.87 -15.17 0.86
C VAL E 62 4.53 -14.45 0.92
N SER E 63 3.44 -15.19 1.12
CA SER E 63 2.14 -14.58 1.33
C SER E 63 1.82 -14.49 2.82
N SER E 64 2.72 -13.85 3.55
CA SER E 64 2.61 -13.65 4.99
C SER E 64 3.57 -12.55 5.39
N LEU E 65 3.56 -12.21 6.67
CA LEU E 65 4.54 -11.30 7.24
C LEU E 65 5.73 -12.04 7.83
N LYS E 66 5.82 -13.35 7.63
CA LYS E 66 6.96 -14.14 8.07
C LYS E 66 8.11 -14.10 7.08
N ALA E 67 7.95 -13.41 5.94
CA ALA E 67 9.04 -13.35 4.97
C ALA E 67 10.15 -12.43 5.45
N TYR E 68 9.84 -11.45 6.29
CA TYR E 68 10.83 -10.48 6.74
C TYR E 68 11.56 -10.90 8.00
N GLN E 69 11.09 -11.93 8.70
CA GLN E 69 11.65 -12.31 9.99
C GLN E 69 12.66 -13.44 9.83
N ILE E 70 13.84 -13.25 10.39
CA ILE E 70 14.89 -14.26 10.40
C ILE E 70 14.87 -14.95 11.76
N PRO E 71 14.65 -16.26 11.83
CA PRO E 71 14.56 -16.93 13.13
C PRO E 71 15.93 -17.11 13.77
N VAL E 72 16.03 -16.79 15.06
CA VAL E 72 17.26 -16.90 15.83
C VAL E 72 16.89 -17.52 17.17
N GLN E 73 17.52 -18.64 17.50
CA GLN E 73 17.20 -19.38 18.71
C GLN E 73 18.44 -19.60 19.55
N SER E 74 18.24 -20.23 20.71
CA SER E 74 19.34 -20.57 21.61
C SER E 74 19.86 -21.95 21.23
N ASN E 75 21.03 -21.98 20.59
CA ASN E 75 21.53 -23.21 20.00
C ASN E 75 22.18 -24.10 21.05
N SER E 76 22.73 -25.22 20.59
CA SER E 76 23.49 -26.13 21.43
C SER E 76 24.81 -26.52 20.80
N ASP E 77 25.20 -25.89 19.69
CA ASP E 77 26.50 -26.11 19.07
C ASP E 77 27.09 -24.78 18.65
N ASN E 78 28.30 -24.79 18.10
CA ASN E 78 29.04 -23.57 17.81
C ASN E 78 29.15 -23.35 16.32
N GLY E 79 28.82 -22.13 15.88
CA GLY E 79 29.07 -21.73 14.50
C GLY E 79 27.99 -22.07 13.51
N LYS E 80 26.73 -22.05 13.93
CA LYS E 80 25.64 -22.35 13.00
C LYS E 80 25.39 -21.14 12.10
N GLN E 81 24.89 -21.40 10.89
CA GLN E 81 24.61 -20.35 9.93
C GLN E 81 23.21 -19.81 10.12
N VAL E 82 23.06 -18.49 10.04
CA VAL E 82 21.78 -17.84 10.24
C VAL E 82 21.05 -17.72 8.91
N PHE E 83 21.68 -17.07 7.92
CA PHE E 83 21.13 -17.01 6.58
C PHE E 83 22.27 -16.96 5.58
N GLY E 84 21.94 -16.68 4.33
CA GLY E 84 22.91 -16.50 3.28
C GLY E 84 22.26 -16.30 1.93
N PHE E 85 22.73 -15.33 1.14
CA PHE E 85 22.18 -15.06 -0.17
C PHE E 85 23.23 -14.34 -1.00
N PRO E 86 23.25 -14.55 -2.31
CA PRO E 86 24.19 -13.81 -3.16
C PRO E 86 23.77 -12.36 -3.30
N LEU E 87 24.75 -11.52 -3.64
CA LEU E 87 24.53 -10.08 -3.71
C LEU E 87 24.32 -9.70 -5.16
N GLN E 88 23.06 -9.74 -5.59
CA GLN E 88 22.67 -9.30 -6.93
C GLN E 88 21.39 -8.49 -6.78
N PRO E 89 21.49 -7.16 -6.73
CA PRO E 89 20.32 -6.34 -6.39
C PRO E 89 19.36 -6.11 -7.54
N GLY E 90 19.47 -6.84 -8.64
CA GLY E 90 18.49 -6.72 -9.71
C GLY E 90 18.03 -8.05 -10.24
N ALA E 91 18.65 -9.14 -9.79
CA ALA E 91 18.34 -10.46 -10.32
C ALA E 91 17.97 -11.45 -9.23
N ASN E 92 18.61 -11.32 -8.08
CA ASN E 92 18.34 -12.22 -6.96
C ASN E 92 17.00 -11.86 -6.33
N ASN E 93 16.16 -12.86 -6.10
CA ASN E 93 14.79 -12.61 -5.66
C ASN E 93 14.67 -12.23 -4.19
N VAL E 94 15.78 -12.14 -3.46
CA VAL E 94 15.73 -11.58 -2.11
C VAL E 94 15.69 -10.06 -2.17
N LEU E 95 16.67 -9.45 -2.82
CA LEU E 95 16.77 -8.00 -2.96
C LEU E 95 16.04 -7.48 -4.19
N ASN E 96 15.14 -8.27 -4.77
CA ASN E 96 14.53 -7.87 -6.03
C ASN E 96 13.44 -6.83 -5.86
N ARG E 97 12.54 -7.04 -4.89
CA ARG E 97 11.33 -6.24 -4.77
C ARG E 97 11.41 -5.24 -3.62
N THR E 98 12.60 -4.90 -3.17
CA THR E 98 12.75 -3.89 -2.13
C THR E 98 12.67 -2.49 -2.75
N LEU E 99 12.95 -1.46 -1.97
CA LEU E 99 12.89 -0.11 -2.52
C LEU E 99 14.10 0.18 -3.39
N LEU E 100 15.22 -0.47 -3.12
CA LEU E 100 16.40 -0.32 -3.96
C LEU E 100 16.27 -1.15 -5.22
N GLY E 101 15.80 -2.39 -5.11
CA GLY E 101 15.70 -3.28 -6.24
C GLY E 101 14.61 -2.95 -7.23
N GLU E 102 13.67 -2.08 -6.86
CA GLU E 102 12.64 -1.64 -7.79
C GLU E 102 13.05 -0.44 -8.61
N ILE E 103 14.09 0.27 -8.19
CA ILE E 103 14.65 1.35 -9.00
C ILE E 103 15.69 0.81 -9.97
N LEU E 104 16.49 -0.17 -9.55
CA LEU E 104 17.52 -0.74 -10.40
C LEU E 104 16.95 -1.50 -11.59
N ASN E 105 15.70 -1.94 -11.52
CA ASN E 105 15.08 -2.63 -12.62
C ASN E 105 14.54 -1.67 -13.69
N TYR E 106 14.65 -0.37 -13.47
CA TYR E 106 14.43 0.61 -14.52
C TYR E 106 15.72 0.99 -15.23
N TYR E 107 16.86 0.52 -14.76
CA TYR E 107 18.16 0.85 -15.34
C TYR E 107 18.88 -0.43 -15.70
N THR E 108 20.08 -0.28 -16.26
CA THR E 108 20.86 -1.41 -16.74
C THR E 108 22.20 -1.57 -16.05
N HIS E 109 22.90 -0.48 -15.77
CA HIS E 109 24.17 -0.51 -15.06
C HIS E 109 24.00 0.12 -13.69
N TRP E 110 24.84 -0.32 -12.74
CA TRP E 110 24.82 0.26 -11.40
C TRP E 110 26.22 0.18 -10.82
N SER E 111 26.49 1.07 -9.86
CA SER E 111 27.82 1.15 -9.27
C SER E 111 27.72 1.82 -7.91
N GLY E 112 28.44 1.28 -6.93
CA GLY E 112 28.49 1.92 -5.63
C GLY E 112 28.43 0.94 -4.47
N SER E 113 28.31 1.46 -3.25
CA SER E 113 28.27 0.63 -2.06
C SER E 113 26.83 0.46 -1.59
N ILE E 114 26.64 -0.52 -0.71
CA ILE E 114 25.31 -0.90 -0.22
C ILE E 114 25.39 -1.08 1.29
N LYS E 115 24.53 -0.39 2.03
CA LYS E 115 24.42 -0.61 3.45
C LYS E 115 23.41 -1.71 3.74
N LEU E 116 23.60 -2.40 4.86
CA LEU E 116 22.73 -3.51 5.26
C LEU E 116 22.53 -3.42 6.76
N THR E 117 21.45 -2.75 7.17
CA THR E 117 21.19 -2.51 8.59
C THR E 117 20.36 -3.64 9.17
N PHE E 118 20.82 -4.21 10.28
CA PHE E 118 20.11 -5.25 11.00
C PHE E 118 19.56 -4.68 12.28
N MET E 119 18.49 -5.28 12.79
CA MET E 119 17.91 -4.89 14.06
C MET E 119 17.49 -6.13 14.84
N PHE E 120 17.89 -6.21 16.10
CA PHE E 120 17.57 -7.35 16.94
C PHE E 120 16.23 -7.08 17.62
N CYS E 121 15.17 -7.69 17.09
CA CYS E 121 13.82 -7.48 17.61
C CYS E 121 13.45 -8.58 18.61
N GLY E 122 14.26 -8.70 19.66
CA GLY E 122 14.08 -9.72 20.65
C GLY E 122 13.71 -9.15 22.01
N SER E 123 13.98 -9.94 23.04
CA SER E 123 13.69 -9.54 24.40
C SER E 123 14.72 -8.55 24.91
N ALA E 124 14.49 -8.02 26.10
CA ALA E 124 15.38 -7.05 26.71
C ALA E 124 16.45 -7.68 27.58
N MET E 125 16.29 -8.95 27.95
CA MET E 125 17.25 -9.64 28.80
C MET E 125 18.09 -10.65 28.02
N ALA E 126 17.94 -10.72 26.71
CA ALA E 126 18.72 -11.64 25.90
C ALA E 126 19.96 -10.95 25.35
N THR E 127 21.02 -11.74 25.20
CA THR E 127 22.29 -11.26 24.64
C THR E 127 22.65 -12.12 23.43
N GLY E 128 23.83 -11.88 22.89
CA GLY E 128 24.33 -12.64 21.77
C GLY E 128 25.29 -11.82 20.93
N LYS E 129 26.12 -12.52 20.17
CA LYS E 129 27.06 -11.91 19.25
C LYS E 129 26.97 -12.61 17.91
N PHE E 130 27.06 -11.83 16.84
CA PHE E 130 26.92 -12.36 15.49
C PHE E 130 28.09 -11.91 14.63
N LEU E 131 28.27 -12.61 13.52
CA LEU E 131 29.31 -12.31 12.54
C LEU E 131 28.64 -12.06 11.21
N LEU E 132 28.93 -10.90 10.60
CA LEU E 132 28.27 -10.47 9.37
C LEU E 132 29.32 -10.43 8.27
N ALA E 133 29.40 -11.46 7.45
CA ALA E 133 30.48 -11.60 6.49
C ALA E 133 30.02 -11.32 5.07
N TYR E 134 30.92 -10.75 4.28
CA TYR E 134 30.72 -10.54 2.85
C TYR E 134 31.95 -11.03 2.12
N SER E 135 31.78 -12.01 1.24
CA SER E 135 32.90 -12.63 0.55
C SER E 135 32.87 -12.24 -0.92
N PRO E 136 33.98 -11.72 -1.47
CA PRO E 136 34.02 -11.45 -2.90
C PRO E 136 34.04 -12.75 -3.68
N PRO E 137 33.63 -12.72 -4.96
CA PRO E 137 33.53 -13.97 -5.73
C PRO E 137 34.88 -14.54 -6.16
N GLY E 138 34.83 -15.64 -6.90
CA GLY E 138 36.03 -16.32 -7.34
C GLY E 138 36.11 -17.71 -6.76
N ALA E 139 35.78 -17.85 -5.49
CA ALA E 139 35.57 -19.14 -4.86
C ALA E 139 34.07 -19.35 -4.69
N GLY E 140 33.70 -20.43 -4.01
CA GLY E 140 32.30 -20.69 -3.72
C GLY E 140 31.80 -19.87 -2.56
N VAL E 141 30.57 -20.16 -2.17
CA VAL E 141 30.01 -19.59 -0.94
C VAL E 141 30.71 -20.21 0.27
N PRO E 142 31.07 -19.44 1.28
CA PRO E 142 31.74 -20.05 2.44
C PRO E 142 30.79 -20.92 3.24
N LYS E 143 31.29 -22.06 3.70
CA LYS E 143 30.48 -23.05 4.38
C LYS E 143 30.79 -23.18 5.86
N ASN E 144 31.84 -22.54 6.35
CA ASN E 144 32.20 -22.56 7.76
C ASN E 144 32.34 -21.14 8.27
N ARG E 145 32.43 -21.00 9.59
CA ARG E 145 32.80 -19.72 10.16
C ARG E 145 34.26 -19.40 9.88
N LYS E 146 35.11 -20.43 9.82
CA LYS E 146 36.51 -20.24 9.49
C LYS E 146 36.71 -19.80 8.05
N ASP E 147 35.85 -20.26 7.14
CA ASP E 147 35.96 -19.84 5.75
C ASP E 147 35.42 -18.44 5.53
N ALA E 148 34.42 -18.03 6.30
CA ALA E 148 33.80 -16.73 6.10
C ALA E 148 34.46 -15.62 6.89
N MET E 149 35.29 -15.95 7.87
CA MET E 149 36.01 -14.92 8.62
C MET E 149 37.14 -14.30 7.84
N LEU E 150 37.53 -14.88 6.70
CA LEU E 150 38.64 -14.38 5.92
C LEU E 150 38.26 -13.21 5.01
N GLY E 151 36.97 -13.02 4.74
CA GLY E 151 36.52 -11.91 3.93
C GLY E 151 36.32 -10.65 4.75
N THR E 152 35.59 -9.71 4.17
CA THR E 152 35.24 -8.49 4.88
C THR E 152 34.09 -8.79 5.84
N HIS E 153 34.34 -8.67 7.14
CA HIS E 153 33.33 -9.03 8.13
C HIS E 153 33.30 -8.00 9.25
N VAL E 154 32.29 -8.12 10.09
CA VAL E 154 32.15 -7.29 11.28
C VAL E 154 31.47 -8.15 12.35
N ILE E 155 31.78 -7.86 13.62
CA ILE E 155 31.22 -8.61 14.74
C ILE E 155 30.31 -7.69 15.51
N TRP E 156 29.04 -8.07 15.62
CA TRP E 156 28.00 -7.22 16.19
C TRP E 156 27.66 -7.73 17.58
N ASP E 157 27.69 -6.83 18.56
CA ASP E 157 27.37 -7.15 19.95
C ASP E 157 26.00 -6.55 20.25
N VAL E 158 25.06 -7.41 20.65
CA VAL E 158 23.72 -6.96 20.95
C VAL E 158 23.71 -6.29 22.34
N GLY E 159 23.05 -5.14 22.42
CA GLY E 159 23.06 -4.37 23.65
C GLY E 159 22.05 -3.25 23.68
N LEU E 160 22.48 -2.07 24.15
CA LEU E 160 21.57 -0.93 24.24
C LEU E 160 21.22 -0.40 22.85
N GLN E 161 22.23 -0.09 22.05
CA GLN E 161 22.00 0.17 20.63
C GLN E 161 21.72 -1.16 19.95
N SER E 162 20.53 -1.29 19.35
CA SER E 162 20.07 -2.56 18.80
C SER E 162 20.17 -2.60 17.29
N SER E 163 21.19 -1.99 16.70
CA SER E 163 21.35 -2.00 15.26
C SER E 163 22.82 -1.97 14.89
N CYS E 164 23.15 -2.61 13.77
CA CYS E 164 24.51 -2.62 13.25
C CYS E 164 24.44 -2.50 11.74
N VAL E 165 25.38 -1.75 11.17
CA VAL E 165 25.39 -1.47 9.74
C VAL E 165 26.62 -2.13 9.13
N LEU E 166 26.40 -3.21 8.39
CA LEU E 166 27.45 -3.80 7.58
C LEU E 166 27.39 -3.12 6.21
N CYS E 167 28.44 -2.37 5.87
CA CYS E 167 28.51 -1.66 4.61
C CYS E 167 29.47 -2.40 3.69
N VAL E 168 28.94 -3.04 2.65
CA VAL E 168 29.82 -3.75 1.72
C VAL E 168 30.53 -2.75 0.83
N PRO E 169 31.79 -2.98 0.45
CA PRO E 169 32.48 -2.01 -0.38
C PRO E 169 32.31 -2.29 -1.86
N TRP E 170 32.81 -1.41 -2.71
CA TRP E 170 32.73 -1.59 -4.15
C TRP E 170 34.04 -2.20 -4.62
N ILE E 171 34.06 -3.52 -4.72
CA ILE E 171 35.22 -4.26 -5.19
C ILE E 171 34.84 -4.92 -6.51
N SER E 172 35.38 -4.39 -7.61
CA SER E 172 35.08 -4.93 -8.92
C SER E 172 36.21 -4.57 -9.87
N GLN E 173 36.23 -5.24 -11.01
CA GLN E 173 37.18 -4.95 -12.07
C GLN E 173 36.70 -3.82 -12.97
N THR E 174 35.39 -3.74 -13.20
CA THR E 174 34.81 -2.74 -14.06
C THR E 174 34.24 -1.59 -13.25
N HIS E 175 33.98 -0.47 -13.92
CA HIS E 175 33.38 0.67 -13.26
C HIS E 175 31.89 0.49 -12.98
N TYR E 176 31.24 -0.46 -13.66
CA TYR E 176 29.83 -0.70 -13.49
C TYR E 176 29.56 -2.20 -13.47
N ARG E 177 28.31 -2.56 -13.15
CA ARG E 177 27.89 -3.94 -13.15
C ARG E 177 26.49 -4.02 -13.75
N TYR E 178 26.17 -5.16 -14.34
CA TYR E 178 24.88 -5.34 -14.97
C TYR E 178 23.81 -5.61 -13.93
N VAL E 179 22.60 -5.12 -14.18
CA VAL E 179 21.47 -5.40 -13.30
C VAL E 179 21.01 -6.85 -13.48
N VAL E 180 20.95 -7.32 -14.72
CA VAL E 180 20.47 -8.66 -15.03
C VAL E 180 21.48 -9.71 -14.55
N GLU E 181 21.05 -10.97 -14.54
CA GLU E 181 21.91 -12.05 -14.07
C GLU E 181 23.03 -12.30 -15.07
N ASP E 182 24.26 -11.99 -14.66
CA ASP E 182 25.43 -12.19 -15.50
C ASP E 182 26.49 -12.92 -14.69
N GLU E 183 27.28 -13.75 -15.37
CA GLU E 183 28.36 -14.49 -14.73
C GLU E 183 29.67 -13.72 -14.77
N TYR E 184 29.86 -12.87 -15.77
CA TYR E 184 31.11 -12.11 -15.88
C TYR E 184 31.21 -11.04 -14.81
N THR E 185 30.08 -10.51 -14.35
CA THR E 185 30.09 -9.41 -13.38
C THR E 185 29.38 -9.81 -12.10
N ALA E 186 29.69 -10.98 -11.56
CA ALA E 186 29.16 -11.38 -10.27
C ALA E 186 29.74 -10.51 -9.16
N ALA E 187 29.04 -10.45 -8.02
CA ALA E 187 29.40 -9.54 -6.96
C ALA E 187 29.69 -10.19 -5.62
N GLY E 188 29.34 -11.46 -5.43
CA GLY E 188 29.70 -12.12 -4.19
C GLY E 188 28.54 -12.61 -3.36
N TYR E 189 28.80 -12.90 -2.08
CA TYR E 189 27.81 -13.51 -1.20
C TYR E 189 27.83 -12.82 0.15
N VAL E 190 26.69 -12.87 0.84
CA VAL E 190 26.55 -12.29 2.18
C VAL E 190 26.00 -13.37 3.09
N THR E 191 26.77 -13.72 4.12
CA THR E 191 26.38 -14.75 5.08
C THR E 191 26.32 -14.17 6.48
N CYS E 192 25.90 -15.00 7.43
CA CYS E 192 25.77 -14.59 8.82
C CYS E 192 25.87 -15.81 9.72
N TRP E 193 26.69 -15.71 10.77
CA TRP E 193 27.04 -16.87 11.58
C TRP E 193 26.93 -16.51 13.06
N TYR E 194 26.67 -17.52 13.88
CA TYR E 194 26.67 -17.34 15.33
C TYR E 194 28.10 -17.21 15.82
N GLN E 195 28.41 -16.10 16.48
CA GLN E 195 29.70 -15.98 17.13
C GLN E 195 29.69 -16.69 18.48
N THR E 196 28.83 -16.24 19.38
CA THR E 196 28.48 -16.98 20.59
C THR E 196 26.99 -17.26 20.56
N ASN E 197 26.51 -17.96 21.59
CA ASN E 197 25.12 -18.38 21.62
C ASN E 197 24.20 -17.21 22.00
N ILE E 198 22.91 -17.47 22.00
CA ILE E 198 21.90 -16.55 22.51
C ILE E 198 21.51 -17.06 23.90
N VAL E 199 21.92 -16.35 24.94
CA VAL E 199 21.71 -16.80 26.31
C VAL E 199 20.57 -15.97 26.90
N VAL E 200 19.55 -16.65 27.40
CA VAL E 200 18.37 -15.99 27.96
C VAL E 200 18.22 -16.40 29.42
N PRO E 201 17.61 -15.57 30.26
CA PRO E 201 17.29 -16.00 31.63
C PRO E 201 16.07 -16.91 31.67
N ALA E 202 15.64 -17.27 32.87
CA ALA E 202 14.43 -18.07 33.01
C ALA E 202 13.20 -17.22 32.71
N ASP E 203 12.13 -17.90 32.26
CA ASP E 203 10.85 -17.30 31.89
C ASP E 203 10.98 -16.25 30.78
N VAL E 204 11.93 -16.44 29.87
CA VAL E 204 12.05 -15.63 28.67
C VAL E 204 11.96 -16.57 27.47
N GLN E 205 11.26 -16.13 26.42
CA GLN E 205 11.19 -16.92 25.20
C GLN E 205 12.54 -16.91 24.49
N SER E 206 13.02 -18.10 24.12
CA SER E 206 14.34 -18.24 23.55
C SER E 206 14.35 -18.22 22.03
N SER E 207 13.29 -17.73 21.39
CA SER E 207 13.20 -17.68 19.94
C SER E 207 12.98 -16.24 19.51
N CYS E 208 14.08 -15.52 19.30
CA CYS E 208 14.03 -14.11 18.92
C CYS E 208 14.10 -13.97 17.40
N ASP E 209 13.75 -12.80 16.91
CA ASP E 209 13.70 -12.52 15.49
C ASP E 209 14.60 -11.34 15.16
N ILE E 210 15.01 -11.26 13.89
CA ILE E 210 15.93 -10.22 13.42
C ILE E 210 15.39 -9.69 12.10
N LEU E 211 15.19 -8.38 12.02
CA LEU E 211 14.86 -7.73 10.76
C LEU E 211 16.13 -7.24 10.08
N CYS E 212 16.05 -7.04 8.77
CA CYS E 212 17.19 -6.57 8.00
C CYS E 212 16.74 -5.53 7.00
N PHE E 213 17.53 -4.46 6.87
CA PHE E 213 17.24 -3.36 5.97
C PHE E 213 18.30 -3.29 4.89
N VAL E 214 18.01 -2.55 3.83
CA VAL E 214 18.96 -2.37 2.73
C VAL E 214 18.76 -0.98 2.13
N SER E 215 19.86 -0.33 1.79
CA SER E 215 19.84 1.02 1.21
C SER E 215 21.12 1.19 0.40
N ALA E 216 21.36 2.43 -0.03
CA ALA E 216 22.55 2.75 -0.81
C ALA E 216 23.36 3.83 -0.12
N CYS E 217 24.64 3.90 -0.46
CA CYS E 217 25.54 4.89 0.12
C CYS E 217 25.44 6.19 -0.66
N ASN E 218 26.36 7.12 -0.38
CA ASN E 218 26.36 8.41 -1.06
C ASN E 218 27.22 8.42 -2.31
N ASP E 219 27.57 7.26 -2.85
CA ASP E 219 28.27 7.15 -4.13
C ASP E 219 27.62 6.12 -5.03
N PHE E 220 26.30 6.05 -4.98
CA PHE E 220 25.55 5.12 -5.83
C PHE E 220 25.12 5.81 -7.11
N SER E 221 25.17 5.07 -8.22
CA SER E 221 24.83 5.64 -9.52
C SER E 221 24.20 4.57 -10.38
N VAL E 222 23.36 5.01 -11.31
CA VAL E 222 22.72 4.13 -12.29
C VAL E 222 22.86 4.75 -13.67
N ARG E 223 22.57 3.94 -14.69
CA ARG E 223 22.84 4.33 -16.05
C ARG E 223 21.97 3.50 -16.99
N MET E 224 21.72 4.04 -18.19
CA MET E 224 21.05 3.37 -19.31
C MET E 224 19.64 2.93 -18.94
N LEU E 225 18.78 3.92 -18.77
CA LEU E 225 17.37 3.73 -18.42
C LEU E 225 16.64 2.85 -19.44
N LYS E 226 15.98 1.81 -18.94
CA LYS E 226 15.18 0.91 -19.77
C LYS E 226 13.82 0.74 -19.11
N ASP E 227 13.02 -0.17 -19.64
CA ASP E 227 11.70 -0.45 -19.10
C ASP E 227 11.74 -1.63 -18.13
N THR E 228 10.70 -1.74 -17.31
CA THR E 228 10.71 -2.70 -16.22
C THR E 228 10.08 -4.03 -16.63
N PRO E 229 10.59 -5.14 -16.12
CA PRO E 229 9.99 -6.45 -16.42
C PRO E 229 8.95 -6.93 -15.40
N PHE E 230 8.54 -6.10 -14.46
CA PHE E 230 7.64 -6.54 -13.40
C PHE E 230 6.17 -6.30 -13.71
N ILE E 231 5.86 -5.50 -14.74
CA ILE E 231 4.48 -5.19 -15.06
C ILE E 231 4.15 -5.83 -16.41
N ARG E 232 2.86 -6.07 -16.62
CA ARG E 232 2.40 -6.82 -17.79
C ARG E 232 0.97 -6.41 -18.08
N GLN E 233 0.58 -6.52 -19.35
CA GLN E 233 -0.74 -6.09 -19.79
C GLN E 233 -1.14 -6.88 -21.01
N ASP E 234 -2.45 -7.16 -21.13
CA ASP E 234 -2.99 -7.87 -22.29
C ASP E 234 -3.85 -6.97 -23.17
N THR E 235 -4.90 -6.37 -22.62
CA THR E 235 -5.75 -5.41 -23.31
C THR E 235 -5.74 -4.09 -22.55
N PHE E 236 -6.54 -3.15 -23.01
CA PHE E 236 -6.65 -1.87 -22.33
C PHE E 236 -7.60 -1.99 -21.14
N TYR E 237 -7.25 -1.31 -20.06
CA TYR E 237 -8.03 -1.36 -18.83
C TYR E 237 -9.26 -0.49 -18.99
N GLN E 238 -10.43 -1.08 -18.76
CA GLN E 238 -11.69 -0.34 -18.84
C GLN E 238 -12.76 -1.05 -18.02
N MET F 1 19.12 37.24 -30.40
CA MET F 1 19.05 36.99 -28.95
C MET F 1 19.30 35.52 -28.64
N GLY F 2 20.48 35.04 -29.04
CA GLY F 2 20.82 33.64 -28.90
C GLY F 2 21.40 33.30 -27.53
N ALA F 3 20.75 32.35 -26.85
CA ALA F 3 21.17 31.92 -25.53
C ALA F 3 22.29 30.90 -25.63
N GLN F 4 23.28 31.05 -24.75
CA GLN F 4 24.40 30.11 -24.70
C GLN F 4 24.32 29.28 -23.43
N VAL F 5 23.88 28.04 -23.60
CA VAL F 5 23.64 27.10 -22.51
C VAL F 5 24.79 26.10 -22.60
N SER F 6 25.94 26.61 -23.03
CA SER F 6 27.04 25.96 -23.74
C SER F 6 27.37 24.52 -23.39
N THR F 7 27.58 24.22 -22.10
CA THR F 7 28.25 23.01 -21.68
C THR F 7 27.47 21.74 -22.01
N GLN F 8 27.95 21.00 -23.02
CA GLN F 8 27.40 19.71 -23.39
C GLN F 8 27.77 18.65 -22.37
N LYS F 9 27.12 17.51 -22.47
CA LYS F 9 27.40 16.39 -21.57
C LYS F 9 28.60 15.62 -22.11
N THR F 10 29.77 15.87 -21.53
CA THR F 10 31.00 15.19 -21.92
C THR F 10 31.54 14.39 -20.74
N GLY F 11 32.30 13.34 -21.05
CA GLY F 11 32.93 12.55 -20.02
C GLY F 11 34.17 13.22 -19.46
N ALA F 12 34.77 12.56 -18.47
CA ALA F 12 35.97 13.09 -17.82
C ALA F 12 37.10 12.07 -17.82
N ILE F 25 33.09 22.26 -24.69
CA ILE F 25 32.33 22.11 -25.92
C ILE F 25 30.99 22.82 -25.77
N HIS F 26 30.70 23.73 -26.70
CA HIS F 26 29.57 24.65 -26.58
C HIS F 26 28.46 24.26 -27.53
N TYR F 27 27.25 24.73 -27.23
CA TYR F 27 26.12 24.60 -28.13
C TYR F 27 25.20 25.79 -27.93
N THR F 28 24.41 26.11 -28.96
CA THR F 28 23.54 27.27 -28.97
C THR F 28 22.08 26.85 -28.95
N ASN F 29 21.21 27.76 -28.53
CA ASN F 29 19.79 27.48 -28.41
C ASN F 29 19.00 28.77 -28.47
N ILE F 30 18.10 28.88 -29.44
CA ILE F 30 17.26 30.05 -29.64
C ILE F 30 15.80 29.61 -29.58
N ASN F 31 14.98 30.33 -28.81
CA ASN F 31 13.56 30.02 -28.68
C ASN F 31 12.78 30.80 -29.74
N TYR F 32 11.84 30.12 -30.38
CA TYR F 32 11.11 30.71 -31.49
C TYR F 32 9.65 31.03 -31.19
N TYR F 33 9.05 30.39 -30.19
CA TYR F 33 7.62 30.53 -29.95
C TYR F 33 7.36 31.42 -28.75
N LYS F 34 6.11 31.86 -28.64
CA LYS F 34 5.72 32.87 -27.66
C LYS F 34 5.28 32.30 -26.32
N ASP F 35 5.11 30.99 -26.22
CA ASP F 35 4.67 30.36 -24.98
C ASP F 35 5.83 29.64 -24.33
N ALA F 36 5.95 29.79 -23.01
CA ALA F 36 7.03 29.14 -22.26
C ALA F 36 6.83 27.65 -22.11
N ALA F 37 5.63 27.13 -22.40
CA ALA F 37 5.37 25.70 -22.39
C ALA F 37 5.62 25.05 -23.73
N SER F 38 6.49 25.63 -24.55
CA SER F 38 6.82 25.10 -25.86
C SER F 38 8.32 25.06 -26.11
N ASN F 39 9.12 25.22 -25.06
CA ASN F 39 10.57 25.14 -25.20
C ASN F 39 11.00 23.68 -25.15
N SER F 40 12.31 23.44 -25.12
CA SER F 40 12.82 22.10 -24.99
C SER F 40 12.72 21.63 -23.54
N ALA F 41 13.09 20.38 -23.30
CA ALA F 41 13.13 19.87 -21.94
C ALA F 41 14.29 20.51 -21.18
N ASN F 42 14.23 20.38 -19.85
CA ASN F 42 15.23 21.03 -19.00
C ASN F 42 16.56 20.30 -19.07
N ARG F 43 16.58 19.06 -18.60
CA ARG F 43 17.64 18.06 -18.82
C ARG F 43 19.01 18.41 -18.22
N GLN F 44 19.16 19.59 -17.62
CA GLN F 44 20.47 19.99 -17.10
C GLN F 44 20.36 20.73 -15.78
N ASP F 45 19.36 20.40 -14.96
CA ASP F 45 19.20 20.99 -13.64
C ASP F 45 19.47 19.90 -12.60
N PHE F 46 20.75 19.73 -12.25
CA PHE F 46 21.18 18.70 -11.32
C PHE F 46 21.21 19.31 -9.92
N THR F 47 20.20 19.00 -9.13
CA THR F 47 20.12 19.46 -7.74
C THR F 47 19.80 18.27 -6.86
N GLN F 48 20.42 18.23 -5.69
CA GLN F 48 20.25 17.11 -4.77
C GLN F 48 19.98 17.63 -3.36
N ASP F 49 19.05 16.98 -2.68
CA ASP F 49 18.80 17.24 -1.25
C ASP F 49 18.18 15.99 -0.65
N PRO F 50 19.00 14.99 -0.29
CA PRO F 50 18.46 13.78 0.31
C PRO F 50 18.25 13.87 1.82
N GLY F 51 18.48 15.02 2.42
CA GLY F 51 18.39 15.15 3.87
C GLY F 51 16.97 15.20 4.40
N LYS F 52 15.96 15.29 3.54
CA LYS F 52 14.59 15.32 3.99
C LYS F 52 13.93 13.96 4.01
N PHE F 53 14.50 12.98 3.31
CA PHE F 53 13.98 11.62 3.33
C PHE F 53 14.80 10.67 4.17
N THR F 54 16.09 10.94 4.34
CA THR F 54 16.96 10.09 5.14
C THR F 54 17.10 10.57 6.58
N GLU F 55 17.14 11.87 6.81
CA GLU F 55 17.24 12.43 8.16
C GLU F 55 16.09 13.40 8.43
N PRO F 56 14.85 12.90 8.60
CA PRO F 56 13.73 13.78 8.94
C PRO F 56 13.55 13.94 10.44
N VAL F 57 14.64 14.19 11.16
CA VAL F 57 14.67 14.09 12.61
C VAL F 57 14.85 15.49 13.18
N LYS F 58 14.14 15.80 14.26
CA LYS F 58 14.18 17.13 14.85
C LYS F 58 15.54 17.43 15.48
N ASP F 59 16.03 16.54 16.32
CA ASP F 59 17.32 16.71 16.97
C ASP F 59 18.37 15.96 16.18
N ILE F 60 19.40 16.68 15.72
CA ILE F 60 20.40 16.11 14.81
C ILE F 60 21.30 15.15 15.58
N MET F 61 21.56 13.99 14.98
CA MET F 61 22.42 12.97 15.58
C MET F 61 23.71 12.87 14.80
N VAL F 62 24.83 12.92 15.52
CA VAL F 62 26.15 12.78 14.89
C VAL F 62 26.40 11.30 14.60
N LYS F 63 27.21 11.06 13.55
CA LYS F 63 27.49 9.69 13.13
C LYS F 63 28.32 8.93 14.16
N THR F 64 29.34 9.58 14.72
CA THR F 64 30.27 8.89 15.61
C THR F 64 29.71 8.67 17.01
N MET F 65 28.73 9.47 17.43
CA MET F 65 28.17 9.34 18.75
C MET F 65 27.14 8.21 18.79
N PRO F 66 26.88 7.62 19.96
CA PRO F 66 25.78 6.67 20.08
C PRO F 66 24.43 7.36 19.94
N ALA F 67 23.48 6.62 19.36
CA ALA F 67 22.21 7.23 18.98
C ALA F 67 21.30 7.45 20.18
N LEU F 68 21.31 6.55 21.15
CA LEU F 68 20.42 6.63 22.32
C LEU F 68 21.30 6.80 23.56
N ASN F 69 21.18 7.95 24.21
CA ASN F 69 22.00 8.26 25.38
C ASN F 69 21.40 7.68 26.65
#